data_8FIW
#
_entry.id   8FIW
#
_cell.length_a   45.160
_cell.length_b   53.355
_cell.length_c   114.462
_cell.angle_alpha   90.00
_cell.angle_beta   100.67
_cell.angle_gamma   90.00
#
_symmetry.space_group_name_H-M   'P 1 21 1'
#
loop_
_entity.id
_entity.type
_entity.pdbx_description
1 polymer '3C-like proteinase nsp5'
2 non-polymer "N-([1,1'-biphenyl]-4-yl)-N-[(1R)-2-oxo-2-{[(1S)-1-phenylethyl]amino}-1-(pyridin-3-yl)ethyl]prop-2-enamide"
3 non-polymer "N-([1,1'-biphenyl]-4-yl)-N-[(1S)-2-oxo-2-{[(1S)-1-phenylethyl]amino}-1-(pyridin-3-yl)ethyl]prop-2-enamide"
#
_entity_poly.entity_id   1
_entity_poly.type   'polypeptide(L)'
_entity_poly.pdbx_seq_one_letter_code
;SGFRKMAFPSGKVEGCMVQVTCGTTTLNGLWLDDVVYCPRHVICTSEDMLNPNYEDLLIRKSNHNFLVQAGNVQLRVIGH
SMQNCVLKLKVDTANPKTPKYKFVRIQPGQTFSVLACYNGSPSGVYQCAMRPNFTIKGSFLNGSCGSVGFNIDYDCVSFC
YMHHMELPTGVHAGTDLEGNFYGPFVDRQTAQAAGTDTTITVNVLAWLYAAVINGDRWFLNRFTTTLNDFNLVAMKYNYE
PLTQDHVDILGPLSAQTGIAVLDMCASLKELLQNGMNGRTILGSALLEDEFTPFDVVRQCSGVTFQ
;
_entity_poly.pdbx_strand_id   A,B
#
loop_
_chem_comp.id
_chem_comp.type
_chem_comp.name
_chem_comp.formula
Y0E non-polymer N-([1,1'-biphenyl]-4-yl)-N-[(1R)-2-oxo-2-{[(1S)-1-phenylethyl]amino}-1-(pyridin-3-yl)ethyl]prop-2-enamide 'C30 H27 N3 O2'
Y1E non-polymer N-([1,1'-biphenyl]-4-yl)-N-[(1S)-2-oxo-2-{[(1S)-1-phenylethyl]amino}-1-(pyridin-3-yl)ethyl]prop-2-enamide 'C30 H27 N3 O2'
#
# COMPACT_ATOMS: atom_id res chain seq x y z
N SER A 1 -1.13 2.30 -17.65
CA SER A 1 -0.47 0.97 -17.52
C SER A 1 0.15 0.83 -16.11
N GLY A 2 0.66 -0.35 -15.75
CA GLY A 2 1.26 -0.62 -14.43
C GLY A 2 0.25 -1.24 -13.46
N PHE A 3 0.75 -2.03 -12.50
CA PHE A 3 -0.09 -2.79 -11.55
C PHE A 3 0.63 -2.95 -10.20
N ARG A 4 0.02 -2.44 -9.11
CA ARG A 4 0.61 -2.38 -7.75
C ARG A 4 -0.40 -2.84 -6.70
N LYS A 5 0.07 -3.41 -5.58
CA LYS A 5 -0.69 -3.55 -4.31
C LYS A 5 -1.15 -2.16 -3.85
N MET A 6 -2.37 -1.79 -4.19
CA MET A 6 -3.02 -0.49 -3.90
C MET A 6 -3.99 -0.66 -2.73
N ALA A 7 -3.91 0.19 -1.72
CA ALA A 7 -4.93 0.26 -0.65
C ALA A 7 -6.00 1.30 -1.03
N PHE A 8 -7.11 1.36 -0.29
CA PHE A 8 -8.13 2.43 -0.44
C PHE A 8 -7.61 3.69 0.26
N PRO A 9 -8.06 4.90 -0.14
CA PRO A 9 -7.74 6.12 0.62
C PRO A 9 -8.27 6.00 2.06
N SER A 10 -7.41 6.20 3.05
CA SER A 10 -7.64 5.95 4.51
C SER A 10 -8.33 7.13 5.20
N GLY A 11 -8.53 8.25 4.51
CA GLY A 11 -9.10 9.48 5.09
C GLY A 11 -10.25 9.17 6.03
N LYS A 12 -11.34 8.63 5.50
CA LYS A 12 -12.62 8.47 6.23
C LYS A 12 -12.38 7.65 7.52
N VAL A 13 -11.38 6.80 7.52
CA VAL A 13 -11.12 5.85 8.64
C VAL A 13 -10.16 6.49 9.65
N GLU A 14 -9.19 7.29 9.19
CA GLU A 14 -8.33 8.16 10.04
C GLU A 14 -9.20 8.90 11.08
N GLY A 15 -10.31 9.50 10.66
CA GLY A 15 -11.20 10.27 11.57
C GLY A 15 -12.04 9.40 12.49
N CYS A 16 -11.88 8.08 12.46
CA CYS A 16 -12.68 7.17 13.32
C CYS A 16 -11.80 6.50 14.38
N MET A 17 -10.48 6.66 14.29
CA MET A 17 -9.56 5.96 15.21
C MET A 17 -9.51 6.73 16.53
N VAL A 18 -9.51 6.02 17.67
CA VAL A 18 -9.36 6.60 19.05
C VAL A 18 -8.36 5.75 19.85
N GLN A 19 -7.85 6.30 20.95
CA GLN A 19 -6.99 5.58 21.93
C GLN A 19 -7.90 5.12 23.05
N VAL A 20 -7.79 3.86 23.49
CA VAL A 20 -8.56 3.31 24.65
C VAL A 20 -7.55 2.74 25.64
N THR A 21 -7.78 2.94 26.94
CA THR A 21 -6.85 2.53 28.02
C THR A 21 -7.64 1.91 29.18
N CYS A 22 -7.09 0.84 29.77
CA CYS A 22 -7.48 0.22 31.07
C CYS A 22 -6.19 -0.12 31.83
N GLY A 23 -5.88 0.56 32.93
CA GLY A 23 -4.55 0.51 33.56
C GLY A 23 -3.46 0.63 32.51
N THR A 24 -2.39 -0.16 32.63
CA THR A 24 -1.20 -0.15 31.73
C THR A 24 -1.61 -0.52 30.29
N THR A 25 -2.82 -1.08 30.11
CA THR A 25 -3.32 -1.60 28.80
C THR A 25 -3.85 -0.44 27.97
N THR A 26 -3.13 -0.07 26.90
CA THR A 26 -3.50 1.01 25.95
C THR A 26 -3.49 0.45 24.52
N LEU A 27 -4.65 0.49 23.85
CA LEU A 27 -4.75 0.03 22.43
C LEU A 27 -5.73 0.94 21.65
N ASN A 28 -5.89 0.65 20.35
CA ASN A 28 -6.73 1.45 19.43
C ASN A 28 -8.22 1.07 19.53
N GLY A 29 -9.08 1.99 19.10
CA GLY A 29 -10.52 1.77 19.00
C GLY A 29 -11.07 2.46 17.79
N LEU A 30 -12.28 2.11 17.38
CA LEU A 30 -13.00 2.71 16.23
C LEU A 30 -14.25 3.39 16.79
N TRP A 31 -14.40 4.68 16.52
CA TRP A 31 -15.44 5.61 17.06
C TRP A 31 -16.40 5.88 15.91
N LEU A 32 -17.58 5.25 15.95
CA LEU A 32 -18.67 5.40 14.96
C LEU A 32 -19.95 5.81 15.68
N ASP A 33 -20.51 6.98 15.36
CA ASP A 33 -21.65 7.61 16.10
C ASP A 33 -21.30 7.65 17.60
N ASP A 34 -22.21 7.14 18.45
CA ASP A 34 -22.16 7.24 19.94
C ASP A 34 -21.69 5.88 20.50
N VAL A 35 -20.70 5.25 19.86
CA VAL A 35 -20.14 3.91 20.21
C VAL A 35 -18.64 3.86 19.84
N VAL A 36 -17.80 3.30 20.74
CA VAL A 36 -16.36 3.03 20.48
C VAL A 36 -16.11 1.52 20.57
N TYR A 37 -15.59 0.93 19.48
CA TYR A 37 -15.27 -0.52 19.34
C TYR A 37 -13.78 -0.70 19.60
N CYS A 38 -13.42 -1.71 20.41
CA CYS A 38 -12.03 -2.22 20.59
C CYS A 38 -12.05 -3.68 21.04
N PRO A 39 -10.88 -4.38 21.08
CA PRO A 39 -10.77 -5.74 21.59
C PRO A 39 -10.96 -5.84 23.11
N ARG A 40 -11.70 -6.86 23.55
CA ARG A 40 -12.11 -6.95 24.98
C ARG A 40 -10.88 -7.23 25.84
N HIS A 41 -9.79 -7.73 25.26
CA HIS A 41 -8.55 -8.07 26.01
C HIS A 41 -7.87 -6.79 26.53
N VAL A 42 -8.48 -5.62 26.34
CA VAL A 42 -8.04 -4.35 26.99
C VAL A 42 -8.24 -4.46 28.51
N ILE A 43 -9.21 -5.26 28.96
CA ILE A 43 -9.55 -5.41 30.40
C ILE A 43 -8.60 -6.42 31.06
N CYS A 44 -7.83 -7.17 30.25
CA CYS A 44 -6.95 -8.26 30.73
C CYS A 44 -5.56 -7.72 31.06
N THR A 45 -4.93 -8.32 32.07
CA THR A 45 -3.54 -8.05 32.53
C THR A 45 -2.76 -9.35 32.42
N SER A 46 -1.43 -9.26 32.40
CA SER A 46 -0.50 -10.38 32.09
C SER A 46 -0.77 -11.59 32.99
N GLU A 47 -1.36 -11.38 34.16
CA GLU A 47 -1.79 -12.46 35.11
C GLU A 47 -2.96 -13.26 34.52
N ASP A 48 -3.85 -12.59 33.76
CA ASP A 48 -5.08 -13.17 33.16
C ASP A 48 -5.01 -13.08 31.64
N MET A 49 -4.06 -13.81 31.08
CA MET A 49 -3.93 -14.04 29.62
C MET A 49 -4.00 -15.56 29.37
N LEU A 50 -3.37 -16.35 30.24
CA LEU A 50 -3.38 -17.84 30.16
C LEU A 50 -4.83 -18.32 30.00
N ASN A 51 -5.73 -17.92 30.90
CA ASN A 51 -7.14 -18.39 30.93
C ASN A 51 -8.06 -17.31 31.52
N PRO A 52 -8.37 -16.24 30.77
CA PRO A 52 -9.17 -15.16 31.30
C PRO A 52 -10.66 -15.55 31.32
N ASN A 53 -11.41 -15.05 32.30
CA ASN A 53 -12.90 -15.11 32.30
C ASN A 53 -13.40 -13.67 32.08
N TYR A 54 -13.90 -13.41 30.87
CA TYR A 54 -14.05 -12.04 30.34
C TYR A 54 -15.29 -11.40 30.98
N GLU A 55 -16.38 -12.16 31.09
CA GLU A 55 -17.58 -11.76 31.87
C GLU A 55 -17.07 -11.24 33.24
N ASP A 56 -16.40 -12.12 33.99
CA ASP A 56 -15.91 -11.86 35.36
C ASP A 56 -14.97 -10.65 35.37
N LEU A 57 -14.05 -10.53 34.41
CA LEU A 57 -13.06 -9.40 34.41
C LEU A 57 -13.79 -8.08 34.18
N LEU A 58 -14.79 -8.10 33.31
CA LEU A 58 -15.62 -6.91 32.96
C LEU A 58 -16.33 -6.39 34.22
N ILE A 59 -16.86 -7.30 35.05
CA ILE A 59 -17.54 -6.95 36.33
C ILE A 59 -16.61 -6.04 37.17
N ARG A 60 -15.37 -6.47 37.44
CA ARG A 60 -14.35 -5.69 38.20
C ARG A 60 -14.37 -4.21 37.76
N LYS A 61 -14.46 -3.92 36.46
CA LYS A 61 -14.34 -2.56 35.87
C LYS A 61 -15.73 -1.97 35.60
N SER A 62 -15.82 -0.64 35.52
CA SER A 62 -17.08 0.11 35.24
C SER A 62 -16.79 1.32 34.35
N ASN A 63 -17.87 1.91 33.79
CA ASN A 63 -17.86 2.97 32.75
C ASN A 63 -16.62 3.84 32.90
N HIS A 64 -16.33 4.32 34.12
CA HIS A 64 -15.26 5.32 34.39
C HIS A 64 -13.85 4.71 34.38
N ASN A 65 -13.71 3.40 34.30
CA ASN A 65 -12.38 2.72 34.25
C ASN A 65 -11.80 2.80 32.82
N PHE A 66 -12.60 3.21 31.82
CA PHE A 66 -12.23 3.25 30.37
C PHE A 66 -11.78 4.65 29.94
N LEU A 67 -10.49 4.81 29.61
CA LEU A 67 -9.87 6.07 29.11
C LEU A 67 -10.03 6.17 27.58
N VAL A 68 -11.25 6.46 27.11
CA VAL A 68 -11.59 6.66 25.68
C VAL A 68 -11.14 8.08 25.27
N GLN A 69 -9.87 8.22 24.85
CA GLN A 69 -9.20 9.52 24.62
C GLN A 69 -8.95 9.74 23.12
N ALA A 70 -9.63 10.71 22.50
CA ALA A 70 -9.69 10.93 21.04
C ALA A 70 -8.96 12.21 20.62
N GLY A 71 -7.81 12.07 19.94
CA GLY A 71 -7.01 13.22 19.46
C GLY A 71 -6.98 14.36 20.46
N ASN A 72 -6.47 14.08 21.68
CA ASN A 72 -6.16 15.07 22.75
C ASN A 72 -7.43 15.57 23.44
N VAL A 73 -8.61 15.01 23.12
CA VAL A 73 -9.90 15.30 23.79
C VAL A 73 -10.19 14.14 24.76
N GLN A 74 -11.31 14.17 25.50
CA GLN A 74 -11.78 13.07 26.37
C GLN A 74 -13.26 12.83 26.06
N LEU A 75 -13.75 11.61 26.26
CA LEU A 75 -15.15 11.20 25.95
C LEU A 75 -15.76 10.46 27.15
N ARG A 76 -17.05 10.66 27.40
CA ARG A 76 -17.75 10.12 28.60
C ARG A 76 -18.43 8.79 28.23
N VAL A 77 -18.23 7.75 29.04
CA VAL A 77 -18.81 6.39 28.83
C VAL A 77 -20.19 6.37 29.51
N ILE A 78 -21.24 6.13 28.72
CA ILE A 78 -22.68 6.23 29.13
C ILE A 78 -23.29 4.82 29.28
N GLY A 79 -22.49 3.77 29.11
CA GLY A 79 -22.94 2.37 29.14
C GLY A 79 -22.09 1.50 28.24
N HIS A 80 -21.11 0.79 28.82
CA HIS A 80 -20.28 -0.23 28.13
C HIS A 80 -21.14 -1.48 27.83
N SER A 81 -20.52 -2.51 27.26
CA SER A 81 -21.11 -3.85 27.00
C SER A 81 -20.06 -4.72 26.32
N MET A 82 -20.41 -5.97 26.01
CA MET A 82 -19.49 -6.97 25.40
C MET A 82 -20.27 -7.72 24.31
N GLN A 83 -19.82 -7.59 23.06
CA GLN A 83 -20.35 -8.34 21.88
C GLN A 83 -19.27 -9.34 21.45
N ASN A 84 -19.44 -10.59 21.86
CA ASN A 84 -18.42 -11.65 21.66
C ASN A 84 -17.06 -11.12 22.17
N CYS A 85 -16.13 -10.79 21.28
CA CYS A 85 -14.73 -10.48 21.65
C CYS A 85 -14.42 -8.98 21.55
N VAL A 86 -15.41 -8.11 21.36
CA VAL A 86 -15.18 -6.62 21.34
C VAL A 86 -16.04 -5.93 22.39
N LEU A 87 -15.63 -4.74 22.83
CA LEU A 87 -16.43 -3.86 23.74
C LEU A 87 -17.11 -2.78 22.90
N LYS A 88 -18.37 -2.48 23.22
CA LYS A 88 -19.13 -1.32 22.73
C LYS A 88 -19.20 -0.29 23.88
N LEU A 89 -18.19 0.61 23.93
CA LEU A 89 -18.09 1.73 24.90
C LEU A 89 -18.91 2.93 24.41
N LYS A 90 -20.17 3.04 24.86
CA LYS A 90 -21.12 4.11 24.46
C LYS A 90 -20.62 5.46 25.01
N VAL A 91 -20.30 6.40 24.11
CA VAL A 91 -19.84 7.78 24.44
C VAL A 91 -21.04 8.73 24.35
N ASP A 92 -20.95 9.89 25.01
CA ASP A 92 -22.00 10.96 24.94
C ASP A 92 -21.84 11.74 23.63
N THR A 93 -20.59 12.06 23.29
CA THR A 93 -20.20 12.85 22.09
C THR A 93 -20.14 11.90 20.89
N ALA A 94 -21.10 12.01 19.96
CA ALA A 94 -21.12 11.32 18.65
C ALA A 94 -19.94 11.78 17.80
N ASN A 95 -19.38 10.91 16.96
CA ASN A 95 -18.27 11.25 16.04
C ASN A 95 -18.83 12.11 14.90
N PRO A 96 -18.40 13.38 14.76
CA PRO A 96 -18.89 14.25 13.68
C PRO A 96 -18.36 13.80 12.31
N LYS A 97 -17.20 13.13 12.28
CA LYS A 97 -16.53 12.61 11.06
C LYS A 97 -16.94 11.16 10.78
N THR A 98 -18.16 10.74 11.12
CA THR A 98 -18.68 9.39 10.80
C THR A 98 -19.00 9.35 9.29
N PRO A 99 -18.31 8.50 8.51
CA PRO A 99 -18.74 8.24 7.13
C PRO A 99 -19.97 7.33 7.18
N LYS A 100 -20.76 7.33 6.11
CA LYS A 100 -21.62 6.19 5.72
C LYS A 100 -20.75 4.92 5.88
N TYR A 101 -21.12 4.02 6.78
CA TYR A 101 -20.35 2.81 7.11
C TYR A 101 -21.26 1.60 7.16
N LYS A 102 -20.68 0.40 7.20
CA LYS A 102 -21.38 -0.91 7.31
C LYS A 102 -20.40 -1.93 7.86
N PHE A 103 -20.88 -2.87 8.67
CA PHE A 103 -20.08 -4.04 9.15
C PHE A 103 -20.39 -5.21 8.23
N VAL A 104 -19.36 -5.87 7.71
CA VAL A 104 -19.48 -7.08 6.85
C VAL A 104 -18.56 -8.17 7.39
N ARG A 105 -18.92 -9.44 7.17
CA ARG A 105 -18.00 -10.58 7.41
C ARG A 105 -17.57 -11.08 6.03
N ILE A 106 -16.32 -10.83 5.69
CA ILE A 106 -15.71 -11.15 4.37
C ILE A 106 -15.35 -12.63 4.34
N GLN A 107 -15.45 -13.23 3.15
CA GLN A 107 -15.14 -14.66 2.87
C GLN A 107 -13.64 -14.80 2.67
N PRO A 108 -13.07 -15.99 2.93
CA PRO A 108 -11.63 -16.20 2.74
C PRO A 108 -11.29 -15.97 1.26
N GLY A 109 -10.17 -15.30 0.98
CA GLY A 109 -9.74 -14.92 -0.37
C GLY A 109 -10.04 -13.46 -0.67
N GLN A 110 -11.05 -12.89 -0.02
CA GLN A 110 -11.42 -11.46 -0.13
C GLN A 110 -10.28 -10.59 0.42
N THR A 111 -10.04 -9.43 -0.18
CA THR A 111 -8.98 -8.47 0.20
C THR A 111 -9.60 -7.31 0.96
N PHE A 112 -8.78 -6.52 1.63
CA PHE A 112 -9.21 -5.33 2.40
C PHE A 112 -7.97 -4.49 2.69
N SER A 113 -8.17 -3.19 2.90
CA SER A 113 -7.14 -2.23 3.39
C SER A 113 -7.07 -2.20 4.93
N VAL A 114 -5.88 -2.31 5.51
CA VAL A 114 -5.58 -2.17 6.96
C VAL A 114 -4.98 -0.77 7.19
N LEU A 115 -5.53 -0.04 8.15
CA LEU A 115 -4.94 1.21 8.69
C LEU A 115 -4.30 0.87 10.05
N ALA A 116 -2.99 0.61 10.05
CA ALA A 116 -2.17 0.19 11.21
C ALA A 116 -1.96 1.39 12.13
N CYS A 117 -2.46 1.30 13.36
CA CYS A 117 -2.53 2.42 14.33
C CYS A 117 -1.85 2.05 15.65
N TYR A 118 -1.19 3.03 16.26
CA TYR A 118 -0.47 2.94 17.55
C TYR A 118 -0.87 4.15 18.39
N ASN A 119 -1.56 3.90 19.51
CA ASN A 119 -2.04 4.92 20.47
C ASN A 119 -3.19 5.72 19.83
N GLY A 120 -3.84 5.16 18.81
CA GLY A 120 -4.99 5.79 18.14
C GLY A 120 -4.57 6.70 16.98
N SER A 121 -3.29 6.71 16.61
CA SER A 121 -2.76 7.53 15.49
C SER A 121 -2.56 6.68 14.25
N PRO A 122 -3.30 6.98 13.15
CA PRO A 122 -3.09 6.30 11.86
C PRO A 122 -1.60 6.36 11.52
N SER A 123 -0.95 5.20 11.43
CA SER A 123 0.52 5.04 11.31
C SER A 123 0.92 4.63 9.89
N GLY A 124 0.02 3.95 9.15
CA GLY A 124 0.34 3.37 7.83
C GLY A 124 -0.79 2.53 7.26
N VAL A 125 -0.82 2.35 5.93
CA VAL A 125 -1.93 1.67 5.20
C VAL A 125 -1.33 0.68 4.20
N TYR A 126 -1.91 -0.52 4.12
CA TYR A 126 -1.46 -1.63 3.23
C TYR A 126 -2.66 -2.55 2.93
N GLN A 127 -2.63 -3.21 1.76
CA GLN A 127 -3.69 -4.13 1.28
C GLN A 127 -3.39 -5.56 1.76
N CYS A 128 -4.41 -6.32 2.17
CA CYS A 128 -4.32 -7.67 2.76
C CYS A 128 -5.42 -8.60 2.23
N ALA A 129 -5.16 -9.89 2.25
CA ALA A 129 -6.12 -10.96 1.88
C ALA A 129 -6.43 -11.76 3.14
N MET A 130 -7.70 -12.13 3.34
CA MET A 130 -8.13 -13.19 4.30
C MET A 130 -7.63 -14.55 3.78
N ARG A 131 -6.47 -15.02 4.24
CA ARG A 131 -5.92 -16.36 3.90
C ARG A 131 -7.03 -17.41 4.06
N PRO A 132 -6.95 -18.57 3.37
CA PRO A 132 -7.91 -19.66 3.56
C PRO A 132 -7.97 -20.27 4.97
N ASN A 133 -6.88 -20.20 5.74
CA ASN A 133 -6.83 -20.62 7.17
C ASN A 133 -7.25 -19.47 8.10
N PHE A 134 -7.74 -18.36 7.57
CA PHE A 134 -8.45 -17.30 8.34
C PHE A 134 -7.44 -16.44 9.14
N THR A 135 -6.16 -16.57 8.78
CA THR A 135 -5.08 -15.65 9.23
C THR A 135 -4.95 -14.53 8.22
N ILE A 136 -4.25 -13.46 8.60
CA ILE A 136 -3.78 -12.43 7.64
C ILE A 136 -2.27 -12.35 7.81
N LYS A 137 -1.53 -12.26 6.71
CA LYS A 137 -0.10 -11.87 6.65
C LYS A 137 -0.05 -10.34 6.70
N GLY A 138 0.05 -9.78 7.89
CA GLY A 138 0.00 -8.31 8.11
C GLY A 138 1.35 -7.75 8.49
N SER A 139 1.36 -6.52 8.99
CA SER A 139 2.52 -5.82 9.61
C SER A 139 2.02 -5.05 10.83
N PHE A 140 2.23 -5.61 12.02
CA PHE A 140 1.68 -5.12 13.31
C PHE A 140 2.77 -5.22 14.38
N LEU A 141 2.82 -4.22 15.27
CA LEU A 141 3.69 -4.20 16.48
C LEU A 141 2.78 -4.12 17.71
N ASN A 142 3.36 -4.10 18.91
CA ASN A 142 2.59 -3.98 20.19
C ASN A 142 1.79 -2.65 20.15
N GLY A 143 0.57 -2.67 20.70
CA GLY A 143 -0.36 -1.52 20.63
C GLY A 143 -1.04 -1.36 19.27
N SER A 144 -0.82 -2.27 18.32
CA SER A 144 -1.50 -2.31 16.99
C SER A 144 -2.98 -2.69 17.14
N CYS A 145 -3.29 -3.51 18.16
CA CYS A 145 -4.64 -4.10 18.43
C CYS A 145 -5.72 -3.02 18.34
N GLY A 146 -6.82 -3.30 17.63
CA GLY A 146 -7.93 -2.35 17.39
C GLY A 146 -7.82 -1.70 16.02
N SER A 147 -6.63 -1.78 15.40
CA SER A 147 -6.39 -1.47 13.97
C SER A 147 -7.45 -2.21 13.15
N VAL A 148 -8.04 -1.56 12.14
CA VAL A 148 -9.21 -2.10 11.37
C VAL A 148 -8.87 -2.34 9.90
N GLY A 149 -9.53 -3.35 9.33
CA GLY A 149 -9.54 -3.67 7.89
C GLY A 149 -10.86 -3.22 7.28
N PHE A 150 -10.83 -2.56 6.12
CA PHE A 150 -12.02 -1.93 5.53
C PHE A 150 -11.93 -2.00 4.00
N ASN A 151 -13.08 -1.94 3.35
CA ASN A 151 -13.24 -1.77 1.88
C ASN A 151 -14.18 -0.59 1.68
N ILE A 152 -13.84 0.36 0.79
CA ILE A 152 -14.67 1.55 0.47
C ILE A 152 -15.50 1.23 -0.78
N ASP A 153 -16.84 1.28 -0.66
CA ASP A 153 -17.81 0.93 -1.75
C ASP A 153 -18.62 2.18 -2.12
N TYR A 154 -17.97 3.11 -2.84
CA TYR A 154 -18.52 4.40 -3.30
C TYR A 154 -18.19 5.47 -2.26
N ASP A 155 -19.13 5.71 -1.33
CA ASP A 155 -18.99 6.64 -0.18
C ASP A 155 -19.10 5.82 1.13
N CYS A 156 -19.39 4.53 1.00
CA CYS A 156 -19.73 3.62 2.12
C CYS A 156 -18.53 2.76 2.52
N VAL A 157 -18.00 2.97 3.74
CA VAL A 157 -16.83 2.22 4.29
C VAL A 157 -17.37 0.93 4.90
N SER A 158 -16.96 -0.21 4.37
CA SER A 158 -17.34 -1.57 4.81
C SER A 158 -16.21 -2.16 5.67
N PHE A 159 -16.24 -1.91 6.97
CA PHE A 159 -15.30 -2.49 7.95
C PHE A 159 -15.51 -4.01 8.04
N CYS A 160 -14.44 -4.80 7.88
CA CYS A 160 -14.48 -6.29 7.88
C CYS A 160 -13.52 -6.90 8.93
N TYR A 161 -12.53 -6.17 9.44
CA TYR A 161 -11.49 -6.75 10.33
C TYR A 161 -11.20 -5.83 11.50
N MET A 162 -10.99 -6.42 12.69
CA MET A 162 -10.41 -5.74 13.88
C MET A 162 -9.27 -6.61 14.40
N HIS A 163 -8.05 -6.08 14.37
CA HIS A 163 -6.83 -6.82 14.79
C HIS A 163 -6.86 -7.05 16.31
N HIS A 164 -6.54 -8.27 16.75
CA HIS A 164 -6.58 -8.68 18.17
C HIS A 164 -5.21 -9.20 18.61
N MET A 165 -4.64 -10.16 17.87
CA MET A 165 -3.44 -10.91 18.32
C MET A 165 -2.60 -11.44 17.16
N GLU A 166 -1.33 -11.69 17.45
CA GLU A 166 -0.34 -12.35 16.57
C GLU A 166 -0.16 -13.79 17.08
N LEU A 167 -0.04 -14.76 16.18
CA LEU A 167 0.09 -16.19 16.57
C LEU A 167 1.57 -16.53 16.64
N PRO A 168 1.94 -17.61 17.37
CA PRO A 168 3.34 -18.06 17.45
C PRO A 168 4.06 -18.05 16.10
N THR A 169 3.33 -18.35 15.01
CA THR A 169 3.85 -18.39 13.62
C THR A 169 4.09 -16.98 13.08
N GLY A 170 3.59 -15.94 13.77
CA GLY A 170 3.88 -14.52 13.44
C GLY A 170 2.82 -13.89 12.53
N VAL A 171 1.93 -14.68 11.95
CA VAL A 171 0.71 -14.19 11.25
C VAL A 171 -0.30 -13.72 12.30
N HIS A 172 -1.39 -13.09 11.85
CA HIS A 172 -2.30 -12.23 12.66
C HIS A 172 -3.74 -12.76 12.58
N ALA A 173 -4.52 -12.54 13.63
CA ALA A 173 -5.89 -13.04 13.79
C ALA A 173 -6.77 -11.93 14.35
N GLY A 174 -8.03 -11.91 13.96
CA GLY A 174 -8.97 -10.88 14.39
C GLY A 174 -10.39 -11.29 14.12
N THR A 175 -11.29 -10.31 14.09
CA THR A 175 -12.76 -10.49 14.15
C THR A 175 -13.39 -9.54 13.14
N ASP A 176 -14.64 -9.80 12.75
CA ASP A 176 -15.53 -8.77 12.16
C ASP A 176 -15.76 -7.75 13.27
N LEU A 177 -16.62 -6.75 13.04
CA LEU A 177 -16.86 -5.67 14.05
C LEU A 177 -18.01 -6.06 14.98
N GLU A 178 -18.59 -7.24 14.81
CA GLU A 178 -19.53 -7.86 15.79
C GLU A 178 -18.76 -8.83 16.69
N GLY A 179 -17.42 -8.83 16.57
CA GLY A 179 -16.48 -9.44 17.54
C GLY A 179 -16.28 -10.94 17.38
N ASN A 180 -16.72 -11.53 16.27
CA ASN A 180 -16.52 -12.97 15.98
C ASN A 180 -15.20 -13.11 15.26
N PHE A 181 -14.30 -13.94 15.79
CA PHE A 181 -13.01 -14.30 15.15
C PHE A 181 -13.31 -14.89 13.78
N TYR A 182 -12.43 -14.61 12.81
CA TYR A 182 -12.18 -15.44 11.61
C TYR A 182 -11.32 -16.63 12.04
N GLY A 183 -11.73 -17.85 11.68
CA GLY A 183 -10.96 -19.06 11.99
C GLY A 183 -11.26 -19.57 13.39
N PRO A 184 -10.53 -20.61 13.86
CA PRO A 184 -10.82 -21.24 15.14
C PRO A 184 -10.17 -20.61 16.39
N PHE A 185 -9.68 -19.37 16.27
CA PHE A 185 -8.80 -18.70 17.26
C PHE A 185 -9.64 -18.11 18.41
N VAL A 186 -8.98 -17.94 19.56
CA VAL A 186 -9.61 -17.44 20.82
C VAL A 186 -8.70 -16.36 21.37
N ASP A 187 -9.23 -15.43 22.16
CA ASP A 187 -8.46 -14.25 22.69
C ASP A 187 -7.88 -14.62 24.06
N ARG A 188 -6.91 -15.54 24.06
CA ARG A 188 -6.19 -15.98 25.27
C ARG A 188 -4.81 -16.46 24.83
N GLN A 189 -3.83 -16.34 25.73
CA GLN A 189 -2.43 -16.79 25.57
C GLN A 189 -2.40 -18.32 25.75
N THR A 190 -2.77 -19.05 24.70
CA THR A 190 -2.73 -20.54 24.63
C THR A 190 -1.95 -20.94 23.37
N ALA A 191 -1.60 -22.23 23.24
CA ALA A 191 -0.97 -22.84 22.06
C ALA A 191 -1.98 -22.91 20.91
N GLN A 192 -1.92 -21.96 19.97
CA GLN A 192 -2.83 -21.84 18.81
C GLN A 192 -2.02 -21.93 17.52
N ALA A 193 -2.44 -22.81 16.61
CA ALA A 193 -1.80 -23.00 15.29
C ALA A 193 -2.86 -22.79 14.20
N ALA A 194 -2.50 -22.01 13.18
CA ALA A 194 -3.26 -21.89 11.92
C ALA A 194 -3.10 -23.20 11.14
N GLY A 195 -4.14 -23.62 10.42
CA GLY A 195 -4.09 -24.78 9.52
C GLY A 195 -3.18 -24.51 8.33
N THR A 196 -3.29 -25.30 7.27
CA THR A 196 -2.45 -25.20 6.06
C THR A 196 -2.84 -23.93 5.31
N ASP A 197 -1.88 -23.04 5.06
CA ASP A 197 -2.08 -21.82 4.25
C ASP A 197 -2.04 -22.21 2.77
N THR A 198 -3.18 -22.69 2.24
CA THR A 198 -3.37 -23.03 0.80
C THR A 198 -3.38 -21.74 -0.04
N THR A 199 -3.01 -21.81 -1.31
CA THR A 199 -3.02 -20.64 -2.23
C THR A 199 -4.42 -20.38 -2.79
N ILE A 200 -4.82 -19.11 -2.84
CA ILE A 200 -6.14 -18.64 -3.35
C ILE A 200 -6.05 -18.69 -4.88
N THR A 201 -6.51 -19.78 -5.49
CA THR A 201 -6.34 -20.05 -6.94
C THR A 201 -7.01 -18.95 -7.79
N VAL A 202 -8.21 -18.49 -7.43
CA VAL A 202 -9.01 -17.59 -8.31
C VAL A 202 -8.30 -16.25 -8.43
N ASN A 203 -7.59 -15.87 -7.36
CA ASN A 203 -6.86 -14.58 -7.25
C ASN A 203 -5.64 -14.63 -8.16
N VAL A 204 -4.91 -15.74 -8.17
CA VAL A 204 -3.68 -15.94 -8.99
C VAL A 204 -4.03 -15.85 -10.48
N LEU A 205 -5.20 -16.36 -10.87
CA LEU A 205 -5.71 -16.29 -12.27
C LEU A 205 -6.05 -14.84 -12.65
N ALA A 206 -6.63 -14.08 -11.71
CA ALA A 206 -6.95 -12.66 -11.86
C ALA A 206 -5.67 -11.86 -12.15
N TRP A 207 -4.61 -12.16 -11.39
CA TRP A 207 -3.30 -11.49 -11.43
C TRP A 207 -2.61 -11.80 -12.77
N LEU A 208 -2.89 -12.95 -13.36
CA LEU A 208 -2.24 -13.37 -14.63
C LEU A 208 -2.90 -12.58 -15.76
N TYR A 209 -4.22 -12.49 -15.75
CA TYR A 209 -4.98 -11.61 -16.67
C TYR A 209 -4.41 -10.18 -16.52
N ALA A 210 -4.16 -9.75 -15.29
CA ALA A 210 -3.66 -8.40 -14.98
C ALA A 210 -2.31 -8.21 -15.67
N ALA A 211 -1.48 -9.25 -15.66
CA ALA A 211 -0.11 -9.27 -16.25
C ALA A 211 -0.23 -9.18 -17.77
N VAL A 212 -1.05 -10.04 -18.35
CA VAL A 212 -1.35 -10.00 -19.81
C VAL A 212 -1.73 -8.55 -20.18
N ILE A 213 -2.68 -7.96 -19.46
CA ILE A 213 -3.23 -6.59 -19.71
C ILE A 213 -2.08 -5.58 -19.76
N ASN A 214 -0.99 -5.82 -19.00
CA ASN A 214 0.20 -4.92 -18.97
C ASN A 214 1.16 -5.27 -20.11
N GLY A 215 1.04 -6.43 -20.76
CA GLY A 215 1.91 -6.86 -21.86
C GLY A 215 2.95 -7.88 -21.43
N ASP A 216 3.00 -8.21 -20.13
CA ASP A 216 3.89 -9.24 -19.51
C ASP A 216 3.20 -10.63 -19.65
N ARG A 217 3.28 -11.24 -20.85
CA ARG A 217 2.43 -12.39 -21.26
C ARG A 217 3.27 -13.54 -21.85
N TRP A 218 4.54 -13.66 -21.47
CA TRP A 218 5.44 -14.74 -21.91
C TRP A 218 4.90 -16.11 -21.50
N PHE A 219 4.31 -16.22 -20.31
CA PHE A 219 3.84 -17.49 -19.70
C PHE A 219 2.69 -18.11 -20.49
N LEU A 220 1.95 -17.34 -21.30
CA LEU A 220 0.81 -17.85 -22.11
C LEU A 220 1.25 -19.04 -22.97
N ASN A 221 0.59 -20.18 -22.83
CA ASN A 221 1.06 -21.49 -23.37
C ASN A 221 0.21 -21.90 -24.58
N ARG A 222 0.69 -22.94 -25.27
CA ARG A 222 0.12 -23.49 -26.52
C ARG A 222 -0.76 -24.71 -26.18
N PHE A 223 -1.28 -24.76 -24.95
CA PHE A 223 -2.04 -25.89 -24.34
C PHE A 223 -3.44 -25.41 -23.95
N THR A 224 -4.29 -26.34 -23.51
CA THR A 224 -5.56 -26.11 -22.76
C THR A 224 -5.66 -27.17 -21.64
N THR A 225 -6.78 -27.23 -20.92
CA THR A 225 -7.05 -28.26 -19.85
C THR A 225 -8.52 -28.16 -19.43
N THR A 226 -8.91 -28.90 -18.40
CA THR A 226 -10.29 -29.00 -17.86
C THR A 226 -10.26 -28.55 -16.39
N LEU A 227 -11.41 -28.20 -15.82
CA LEU A 227 -11.55 -27.94 -14.36
C LEU A 227 -11.03 -29.14 -13.57
N ASN A 228 -11.54 -30.34 -13.87
CA ASN A 228 -11.15 -31.58 -13.15
C ASN A 228 -9.65 -31.80 -13.26
N ASP A 229 -9.12 -31.72 -14.48
CA ASP A 229 -7.68 -31.94 -14.78
C ASP A 229 -6.85 -30.88 -14.03
N PHE A 230 -7.28 -29.62 -14.06
CA PHE A 230 -6.60 -28.47 -13.41
C PHE A 230 -6.61 -28.65 -11.89
N ASN A 231 -7.78 -28.93 -11.32
CA ASN A 231 -8.00 -29.11 -9.86
C ASN A 231 -7.08 -30.23 -9.34
N LEU A 232 -6.93 -31.34 -10.07
CA LEU A 232 -6.05 -32.47 -9.62
C LEU A 232 -4.61 -31.97 -9.51
N VAL A 233 -4.21 -31.04 -10.37
CA VAL A 233 -2.89 -30.36 -10.30
C VAL A 233 -2.91 -29.39 -9.13
N ALA A 234 -3.92 -28.51 -9.05
CA ALA A 234 -4.10 -27.56 -7.94
C ALA A 234 -3.90 -28.27 -6.59
N MET A 235 -4.70 -29.32 -6.30
CA MET A 235 -4.65 -30.05 -5.00
C MET A 235 -3.19 -30.43 -4.65
N LYS A 236 -2.40 -30.90 -5.62
CA LYS A 236 -1.02 -31.40 -5.42
C LYS A 236 -0.12 -30.28 -4.89
N TYR A 237 -0.33 -29.04 -5.35
CA TYR A 237 0.47 -27.84 -4.96
C TYR A 237 -0.22 -27.03 -3.86
N ASN A 238 -1.30 -27.56 -3.26
CA ASN A 238 -2.07 -26.92 -2.15
C ASN A 238 -2.56 -25.56 -2.64
N TYR A 239 -3.22 -25.58 -3.80
CA TYR A 239 -4.07 -24.52 -4.38
C TYR A 239 -5.54 -24.85 -4.10
N GLU A 240 -6.28 -23.86 -3.63
CA GLU A 240 -7.74 -23.89 -3.39
C GLU A 240 -8.39 -24.43 -4.66
N PRO A 241 -9.41 -25.32 -4.55
CA PRO A 241 -10.20 -25.76 -5.70
C PRO A 241 -10.79 -24.58 -6.49
N LEU A 242 -10.78 -24.67 -7.83
CA LEU A 242 -11.40 -23.66 -8.72
C LEU A 242 -12.80 -24.15 -9.13
N THR A 243 -13.85 -23.48 -8.63
CA THR A 243 -15.28 -23.77 -8.87
C THR A 243 -15.76 -23.01 -10.11
N GLN A 244 -17.00 -23.26 -10.52
CA GLN A 244 -17.63 -22.68 -11.75
C GLN A 244 -17.97 -21.21 -11.50
N ASP A 245 -18.39 -20.88 -10.27
CA ASP A 245 -18.53 -19.48 -9.79
C ASP A 245 -17.21 -18.72 -10.06
N HIS A 246 -16.07 -19.28 -9.63
CA HIS A 246 -14.71 -18.70 -9.83
C HIS A 246 -14.42 -18.54 -11.33
N VAL A 247 -14.92 -19.44 -12.18
CA VAL A 247 -14.76 -19.32 -13.66
C VAL A 247 -15.62 -18.13 -14.11
N ASP A 248 -16.84 -18.05 -13.60
CA ASP A 248 -17.83 -17.00 -13.96
C ASP A 248 -17.29 -15.64 -13.49
N ILE A 249 -16.73 -15.58 -12.28
CA ILE A 249 -16.23 -14.32 -11.63
C ILE A 249 -15.07 -13.75 -12.46
N LEU A 250 -14.32 -14.60 -13.16
CA LEU A 250 -13.23 -14.21 -14.10
C LEU A 250 -13.81 -13.83 -15.47
N GLY A 251 -15.13 -13.87 -15.62
CA GLY A 251 -15.85 -13.47 -16.85
C GLY A 251 -15.32 -12.19 -17.46
N PRO A 252 -15.26 -11.06 -16.70
CA PRO A 252 -14.90 -9.75 -17.26
C PRO A 252 -13.48 -9.71 -17.84
N LEU A 253 -12.54 -10.40 -17.22
CA LEU A 253 -11.12 -10.40 -17.63
C LEU A 253 -10.97 -11.29 -18.87
N SER A 254 -11.65 -12.43 -18.88
CA SER A 254 -11.77 -13.33 -20.06
C SER A 254 -12.24 -12.50 -21.26
N ALA A 255 -13.22 -11.63 -21.04
CA ALA A 255 -13.86 -10.77 -22.06
C ALA A 255 -12.80 -9.86 -22.72
N GLN A 256 -12.18 -8.98 -21.93
CA GLN A 256 -11.27 -7.94 -22.48
C GLN A 256 -10.10 -8.61 -23.21
N THR A 257 -9.32 -9.43 -22.50
CA THR A 257 -8.06 -10.06 -22.99
C THR A 257 -8.31 -11.02 -24.16
N GLY A 258 -9.53 -11.59 -24.23
CA GLY A 258 -9.94 -12.58 -25.26
C GLY A 258 -9.39 -13.97 -24.99
N ILE A 259 -8.91 -14.24 -23.78
CA ILE A 259 -8.24 -15.52 -23.39
C ILE A 259 -9.15 -16.28 -22.42
N ALA A 260 -9.73 -17.42 -22.85
CA ALA A 260 -10.64 -18.26 -22.05
C ALA A 260 -9.99 -18.66 -20.71
N VAL A 261 -10.85 -18.94 -19.72
CA VAL A 261 -10.42 -19.17 -18.31
C VAL A 261 -9.54 -20.42 -18.26
N LEU A 262 -9.97 -21.47 -18.94
CA LEU A 262 -9.34 -22.82 -18.91
C LEU A 262 -7.92 -22.73 -19.52
N ASP A 263 -7.76 -21.92 -20.56
CA ASP A 263 -6.43 -21.70 -21.21
C ASP A 263 -5.53 -20.99 -20.20
N MET A 264 -6.10 -20.05 -19.44
CA MET A 264 -5.37 -19.37 -18.33
C MET A 264 -5.02 -20.42 -17.27
N CYS A 265 -5.97 -21.31 -16.89
CA CYS A 265 -5.70 -22.48 -16.02
C CYS A 265 -4.60 -23.35 -16.65
N ALA A 266 -4.68 -23.62 -17.96
CA ALA A 266 -3.68 -24.43 -18.70
C ALA A 266 -2.27 -23.84 -18.53
N SER A 267 -2.12 -22.51 -18.63
CA SER A 267 -0.84 -21.77 -18.50
C SER A 267 -0.32 -21.82 -17.06
N LEU A 268 -1.24 -21.78 -16.07
CA LEU A 268 -0.92 -21.87 -14.62
C LEU A 268 -0.37 -23.27 -14.27
N LYS A 269 -0.98 -24.34 -14.79
CA LYS A 269 -0.52 -25.74 -14.60
C LYS A 269 0.98 -25.83 -14.88
N GLU A 270 1.44 -25.27 -16.00
CA GLU A 270 2.86 -25.32 -16.44
C GLU A 270 3.76 -24.67 -15.37
N LEU A 271 3.39 -23.46 -14.91
CA LEU A 271 4.20 -22.66 -13.95
C LEU A 271 4.29 -23.38 -12.59
N LEU A 272 3.22 -24.06 -12.19
CA LEU A 272 3.22 -24.88 -10.95
C LEU A 272 4.24 -26.03 -11.10
N GLN A 273 4.21 -26.71 -12.26
CA GLN A 273 5.00 -27.94 -12.56
C GLN A 273 6.43 -27.58 -12.96
N ASN A 274 6.61 -26.53 -13.78
CA ASN A 274 7.91 -26.16 -14.41
C ASN A 274 8.56 -24.98 -13.67
N GLY A 275 8.03 -24.56 -12.52
CA GLY A 275 8.44 -23.30 -11.88
C GLY A 275 8.44 -22.17 -12.91
N MET A 276 9.21 -21.11 -12.67
CA MET A 276 9.25 -19.91 -13.55
C MET A 276 10.63 -19.78 -14.20
N ASN A 277 11.45 -20.84 -14.15
CA ASN A 277 12.78 -20.87 -14.81
C ASN A 277 13.45 -19.49 -14.69
N GLY A 278 13.49 -18.94 -13.47
CA GLY A 278 14.18 -17.68 -13.12
C GLY A 278 13.55 -16.44 -13.75
N ARG A 279 12.37 -16.54 -14.37
CA ARG A 279 11.64 -15.39 -14.98
C ARG A 279 10.80 -14.66 -13.91
N THR A 280 10.08 -13.62 -14.29
CA THR A 280 9.21 -12.80 -13.41
C THR A 280 7.92 -12.41 -14.14
N ILE A 281 6.84 -12.19 -13.38
CA ILE A 281 5.54 -11.69 -13.87
C ILE A 281 5.20 -10.46 -13.01
N LEU A 282 5.04 -9.29 -13.64
CA LEU A 282 4.81 -8.02 -12.90
C LEU A 282 5.85 -7.88 -11.77
N GLY A 283 7.14 -8.07 -12.09
CA GLY A 283 8.27 -7.85 -11.16
C GLY A 283 8.23 -8.74 -9.93
N SER A 284 7.58 -9.91 -10.04
CA SER A 284 7.38 -10.87 -8.93
C SER A 284 7.95 -12.22 -9.33
N ALA A 285 8.87 -12.75 -8.52
CA ALA A 285 9.55 -14.05 -8.74
C ALA A 285 8.60 -15.22 -8.46
N LEU A 286 7.45 -14.97 -7.79
CA LEU A 286 6.44 -16.01 -7.47
C LEU A 286 5.02 -15.54 -7.84
N LEU A 287 4.06 -16.47 -7.70
CA LEU A 287 2.64 -16.31 -8.06
C LEU A 287 1.88 -15.61 -6.93
N GLU A 288 1.26 -14.47 -7.23
CA GLU A 288 0.58 -13.58 -6.25
C GLU A 288 -0.90 -13.92 -6.19
N ASP A 289 -1.40 -14.28 -5.02
CA ASP A 289 -2.80 -14.70 -4.82
C ASP A 289 -3.55 -13.68 -3.95
N GLU A 290 -3.02 -12.44 -3.83
CA GLU A 290 -3.59 -11.41 -2.92
C GLU A 290 -4.29 -10.29 -3.71
N PHE A 291 -4.76 -10.58 -4.93
CA PHE A 291 -5.59 -9.67 -5.76
C PHE A 291 -6.83 -10.43 -6.22
N THR A 292 -8.01 -9.99 -5.79
CA THR A 292 -9.29 -10.61 -6.23
C THR A 292 -9.52 -10.21 -7.68
N PRO A 293 -10.45 -10.87 -8.40
CA PRO A 293 -10.90 -10.39 -9.71
C PRO A 293 -11.49 -8.97 -9.69
N PHE A 294 -12.15 -8.56 -8.60
CA PHE A 294 -12.67 -7.18 -8.42
C PHE A 294 -11.49 -6.20 -8.37
N ASP A 295 -10.44 -6.54 -7.61
CA ASP A 295 -9.27 -5.66 -7.37
C ASP A 295 -8.60 -5.34 -8.71
N VAL A 296 -8.46 -6.34 -9.59
CA VAL A 296 -7.82 -6.20 -10.94
C VAL A 296 -8.65 -5.27 -11.83
N VAL A 297 -9.97 -5.44 -11.89
CA VAL A 297 -10.89 -4.60 -12.73
C VAL A 297 -10.74 -3.14 -12.28
N ARG A 298 -10.89 -2.91 -10.98
CA ARG A 298 -10.80 -1.60 -10.28
C ARG A 298 -9.58 -0.84 -10.80
N GLN A 299 -8.43 -1.52 -10.89
CA GLN A 299 -7.09 -0.91 -11.13
C GLN A 299 -6.72 -0.94 -12.62
N CYS A 300 -7.27 -1.89 -13.38
CA CYS A 300 -6.96 -2.03 -14.83
C CYS A 300 -8.04 -1.34 -15.68
N SER A 301 -9.02 -0.65 -15.07
CA SER A 301 -10.18 -0.07 -15.79
C SER A 301 -10.72 1.23 -15.17
N GLY A 302 -10.15 1.73 -14.06
CA GLY A 302 -10.56 3.02 -13.46
C GLY A 302 -10.10 3.18 -12.02
N SER B 1 5.46 -8.55 14.83
CA SER B 1 6.21 -9.17 13.70
C SER B 1 5.53 -8.78 12.40
N GLY B 2 6.02 -9.31 11.27
CA GLY B 2 5.44 -9.08 9.93
C GLY B 2 6.03 -7.86 9.25
N PHE B 3 6.09 -7.84 7.92
CA PHE B 3 6.69 -6.71 7.16
C PHE B 3 6.08 -6.57 5.78
N ARG B 4 5.50 -5.39 5.49
CA ARG B 4 4.74 -5.08 4.25
C ARG B 4 5.17 -3.74 3.64
N LYS B 5 5.13 -3.64 2.32
CA LYS B 5 5.03 -2.35 1.57
C LYS B 5 3.89 -1.52 2.17
N MET B 6 4.20 -0.60 3.09
CA MET B 6 3.23 0.28 3.77
C MET B 6 3.26 1.65 3.08
N ALA B 7 2.14 2.35 3.05
CA ALA B 7 2.03 3.75 2.61
C ALA B 7 1.65 4.59 3.83
N PHE B 8 1.79 5.92 3.75
CA PHE B 8 1.33 6.88 4.80
C PHE B 8 -0.18 7.05 4.69
N PRO B 9 -0.91 7.24 5.81
CA PRO B 9 -2.31 7.59 5.70
C PRO B 9 -2.40 8.75 4.69
N SER B 10 -3.36 8.68 3.75
CA SER B 10 -3.56 9.61 2.60
C SER B 10 -4.52 10.77 2.93
N GLY B 11 -5.22 10.71 4.08
CA GLY B 11 -6.32 11.61 4.45
C GLY B 11 -5.99 13.09 4.35
N LYS B 12 -4.79 13.51 4.79
CA LYS B 12 -4.38 14.94 4.76
C LYS B 12 -4.16 15.40 3.31
N VAL B 13 -3.82 14.47 2.41
CA VAL B 13 -3.64 14.75 0.96
C VAL B 13 -5.00 14.72 0.23
N GLU B 14 -5.92 13.82 0.61
CA GLU B 14 -7.25 13.69 -0.06
C GLU B 14 -7.93 15.06 -0.09
N GLY B 15 -7.81 15.81 1.01
CA GLY B 15 -8.43 17.14 1.17
C GLY B 15 -7.79 18.21 0.28
N CYS B 16 -6.68 17.90 -0.40
CA CYS B 16 -5.95 18.85 -1.27
C CYS B 16 -6.24 18.59 -2.75
N MET B 17 -6.99 17.53 -3.07
CA MET B 17 -7.12 17.04 -4.48
C MET B 17 -8.34 17.70 -5.15
N VAL B 18 -8.15 18.23 -6.36
CA VAL B 18 -9.14 19.02 -7.14
C VAL B 18 -9.09 18.58 -8.60
N GLN B 19 -10.16 18.79 -9.33
CA GLN B 19 -10.23 18.52 -10.80
C GLN B 19 -9.82 19.80 -11.53
N VAL B 20 -9.15 19.68 -12.66
CA VAL B 20 -8.79 20.82 -13.54
C VAL B 20 -9.14 20.43 -14.97
N THR B 21 -10.06 21.18 -15.59
CA THR B 21 -10.41 21.07 -17.03
C THR B 21 -9.86 22.30 -17.75
N CYS B 22 -9.48 22.11 -19.01
CA CYS B 22 -9.02 23.20 -19.91
C CYS B 22 -9.24 22.67 -21.33
N GLY B 23 -10.26 23.17 -22.02
CA GLY B 23 -10.72 22.66 -23.33
C GLY B 23 -11.44 21.34 -23.14
N THR B 24 -10.99 20.30 -23.83
CA THR B 24 -11.51 18.91 -23.68
C THR B 24 -10.79 18.22 -22.51
N THR B 25 -9.59 18.70 -22.16
CA THR B 25 -8.59 17.96 -21.34
C THR B 25 -8.88 18.11 -19.84
N THR B 26 -8.95 17.00 -19.11
CA THR B 26 -9.20 16.96 -17.64
C THR B 26 -8.07 16.20 -16.92
N LEU B 27 -7.54 16.75 -15.83
CA LEU B 27 -6.59 16.01 -14.95
C LEU B 27 -6.68 16.51 -13.51
N ASN B 28 -5.79 16.01 -12.64
CA ASN B 28 -5.80 16.33 -11.18
C ASN B 28 -4.93 17.53 -10.87
N GLY B 29 -5.35 18.30 -9.87
CA GLY B 29 -4.55 19.41 -9.30
C GLY B 29 -4.37 19.27 -7.80
N LEU B 30 -3.47 20.08 -7.24
CA LEU B 30 -3.10 20.08 -5.81
C LEU B 30 -3.41 21.50 -5.28
N TRP B 31 -4.43 21.61 -4.42
CA TRP B 31 -4.98 22.87 -3.89
C TRP B 31 -4.39 23.12 -2.49
N LEU B 32 -3.37 23.96 -2.43
CA LEU B 32 -2.71 24.37 -1.17
C LEU B 32 -2.80 25.89 -1.06
N ASP B 33 -3.32 26.39 0.08
CA ASP B 33 -3.67 27.82 0.29
C ASP B 33 -4.56 28.27 -0.88
N ASP B 34 -4.20 29.34 -1.59
CA ASP B 34 -5.01 29.92 -2.71
C ASP B 34 -4.37 29.59 -4.07
N VAL B 35 -3.51 28.57 -4.12
CA VAL B 35 -2.80 28.14 -5.35
C VAL B 35 -3.21 26.70 -5.70
N VAL B 36 -3.50 26.42 -6.98
CA VAL B 36 -3.81 25.04 -7.47
C VAL B 36 -2.70 24.64 -8.43
N TYR B 37 -1.97 23.58 -8.10
CA TYR B 37 -0.84 23.06 -8.91
C TYR B 37 -1.37 21.95 -9.81
N CYS B 38 -0.89 21.87 -11.05
CA CYS B 38 -1.20 20.76 -11.98
C CYS B 38 -0.18 20.71 -13.11
N PRO B 39 -0.13 19.61 -13.90
CA PRO B 39 0.75 19.52 -15.05
C PRO B 39 0.32 20.52 -16.14
N ARG B 40 1.27 21.27 -16.67
CA ARG B 40 1.07 22.38 -17.63
C ARG B 40 0.52 21.85 -18.97
N HIS B 41 0.66 20.55 -19.26
CA HIS B 41 0.18 19.94 -20.53
C HIS B 41 -1.36 19.83 -20.59
N VAL B 42 -2.05 20.37 -19.59
CA VAL B 42 -3.54 20.42 -19.54
C VAL B 42 -4.03 21.38 -20.64
N ILE B 43 -3.17 22.25 -21.15
CA ILE B 43 -3.50 23.29 -22.17
C ILE B 43 -3.35 22.75 -23.61
N CYS B 44 -2.93 21.47 -23.79
CA CYS B 44 -2.57 20.89 -25.12
C CYS B 44 -3.69 20.01 -25.68
N THR B 45 -3.97 20.15 -26.99
CA THR B 45 -4.92 19.29 -27.77
C THR B 45 -4.19 18.07 -28.32
N SER B 46 -4.89 17.22 -29.07
CA SER B 46 -4.32 16.04 -29.79
C SER B 46 -3.40 16.51 -30.91
N GLU B 47 -3.55 17.78 -31.33
CA GLU B 47 -2.86 18.43 -32.48
C GLU B 47 -1.53 19.04 -32.03
N ASP B 48 -1.30 19.18 -30.71
CA ASP B 48 -0.06 19.76 -30.12
C ASP B 48 0.47 18.85 -29.02
N MET B 49 0.80 17.60 -29.37
CA MET B 49 1.42 16.59 -28.46
C MET B 49 2.84 16.27 -28.92
N LEU B 50 3.07 16.14 -30.24
CA LEU B 50 4.42 15.91 -30.82
C LEU B 50 5.36 17.02 -30.36
N ASN B 51 5.00 18.27 -30.64
CA ASN B 51 5.85 19.45 -30.36
C ASN B 51 4.94 20.64 -30.06
N PRO B 52 4.44 20.77 -28.82
CA PRO B 52 3.77 22.00 -28.37
C PRO B 52 4.75 23.09 -27.92
N ASN B 53 4.37 24.35 -28.10
CA ASN B 53 5.01 25.54 -27.50
C ASN B 53 4.11 25.98 -26.35
N TYR B 54 4.53 25.72 -25.11
CA TYR B 54 3.74 25.96 -23.87
C TYR B 54 3.69 27.45 -23.54
N GLU B 55 4.44 28.30 -24.25
CA GLU B 55 4.36 29.77 -24.12
C GLU B 55 3.30 30.29 -25.09
N ASP B 56 3.35 29.84 -26.35
CA ASP B 56 2.40 30.23 -27.44
C ASP B 56 1.07 29.47 -27.31
N LEU B 57 0.95 28.52 -26.38
CA LEU B 57 -0.32 27.83 -26.03
C LEU B 57 -0.92 28.45 -24.76
N LEU B 58 -0.08 28.83 -23.79
CA LEU B 58 -0.51 29.51 -22.53
C LEU B 58 -1.12 30.85 -22.91
N ILE B 59 -0.35 31.66 -23.64
CA ILE B 59 -0.69 33.03 -24.12
C ILE B 59 -2.14 33.04 -24.62
N ARG B 60 -2.52 32.10 -25.50
CA ARG B 60 -3.88 31.99 -26.11
C ARG B 60 -4.98 31.84 -25.05
N LYS B 61 -4.65 31.51 -23.79
CA LYS B 61 -5.62 31.13 -22.73
C LYS B 61 -5.70 32.22 -21.64
N SER B 62 -6.83 32.27 -20.92
CA SER B 62 -7.18 33.26 -19.87
C SER B 62 -7.72 32.54 -18.63
N ASN B 63 -7.87 33.26 -17.50
CA ASN B 63 -8.31 32.72 -16.19
C ASN B 63 -9.54 31.80 -16.37
N HIS B 64 -10.61 32.27 -17.02
CA HIS B 64 -11.93 31.59 -17.18
C HIS B 64 -11.87 30.46 -18.22
N ASN B 65 -10.73 30.25 -18.89
CA ASN B 65 -10.51 29.05 -19.75
C ASN B 65 -10.19 27.84 -18.88
N PHE B 66 -10.07 28.01 -17.55
CA PHE B 66 -9.66 26.98 -16.57
C PHE B 66 -10.79 26.70 -15.57
N LEU B 67 -11.40 25.52 -15.65
CA LEU B 67 -12.37 25.02 -14.64
C LEU B 67 -11.58 24.34 -13.52
N VAL B 68 -11.73 24.85 -12.29
CA VAL B 68 -11.22 24.21 -11.06
C VAL B 68 -12.40 23.82 -10.17
N GLN B 69 -12.58 22.52 -9.94
CA GLN B 69 -13.74 21.96 -9.19
C GLN B 69 -13.20 21.15 -8.01
N ALA B 70 -13.56 21.53 -6.77
CA ALA B 70 -13.17 20.86 -5.52
C ALA B 70 -14.34 20.07 -4.96
N GLY B 71 -14.39 18.76 -5.23
CA GLY B 71 -15.55 17.92 -4.92
C GLY B 71 -16.69 18.30 -5.84
N ASN B 72 -17.78 18.82 -5.28
CA ASN B 72 -19.00 19.24 -6.02
C ASN B 72 -18.94 20.75 -6.29
N VAL B 73 -17.93 21.44 -5.74
CA VAL B 73 -17.81 22.92 -5.62
C VAL B 73 -17.03 23.46 -6.84
N GLN B 74 -17.19 24.74 -7.14
CA GLN B 74 -16.44 25.46 -8.21
C GLN B 74 -15.56 26.53 -7.58
N LEU B 75 -14.35 26.72 -8.11
CA LEU B 75 -13.36 27.72 -7.59
C LEU B 75 -13.14 28.77 -8.68
N ARG B 76 -13.07 30.04 -8.25
CA ARG B 76 -12.88 31.22 -9.14
C ARG B 76 -11.38 31.40 -9.38
N VAL B 77 -10.94 31.25 -10.63
CA VAL B 77 -9.52 31.42 -11.05
C VAL B 77 -9.28 32.89 -11.36
N ILE B 78 -8.41 33.56 -10.59
CA ILE B 78 -8.07 35.01 -10.74
C ILE B 78 -6.63 35.19 -11.24
N GLY B 79 -5.87 34.10 -11.42
CA GLY B 79 -4.46 34.14 -11.86
C GLY B 79 -4.02 32.81 -12.47
N HIS B 80 -3.04 32.86 -13.37
CA HIS B 80 -2.40 31.68 -13.99
C HIS B 80 -0.98 32.06 -14.41
N SER B 81 0.02 31.34 -13.91
CA SER B 81 1.42 31.44 -14.35
C SER B 81 1.96 30.04 -14.60
N MET B 82 3.09 29.94 -15.32
CA MET B 82 3.80 28.67 -15.64
C MET B 82 5.15 28.71 -14.91
N GLN B 83 5.43 27.67 -14.11
CA GLN B 83 6.75 27.42 -13.46
C GLN B 83 7.29 26.08 -14.00
N ASN B 84 8.24 26.17 -14.93
CA ASN B 84 8.81 24.99 -15.62
C ASN B 84 7.65 24.23 -16.23
N CYS B 85 7.25 23.10 -15.63
CA CYS B 85 6.26 22.17 -16.24
C CYS B 85 4.99 22.07 -15.39
N VAL B 86 4.81 22.91 -14.35
CA VAL B 86 3.52 22.99 -13.61
C VAL B 86 2.83 24.33 -13.91
N LEU B 87 1.49 24.31 -14.01
CA LEU B 87 0.63 25.53 -13.91
C LEU B 87 0.42 25.88 -12.43
N LYS B 88 0.43 27.17 -12.11
CA LYS B 88 0.05 27.71 -10.78
C LYS B 88 -1.14 28.65 -10.97
N LEU B 89 -2.35 28.15 -10.70
CA LEU B 89 -3.63 28.89 -10.77
C LEU B 89 -3.94 29.49 -9.40
N LYS B 90 -3.91 30.82 -9.28
CA LYS B 90 -4.37 31.55 -8.07
C LYS B 90 -5.90 31.53 -8.05
N VAL B 91 -6.50 31.12 -6.94
CA VAL B 91 -7.98 31.02 -6.78
C VAL B 91 -8.43 31.97 -5.67
N ASP B 92 -9.73 32.27 -5.64
CA ASP B 92 -10.37 33.26 -4.74
C ASP B 92 -10.38 32.77 -3.28
N THR B 93 -9.97 31.54 -3.01
CA THR B 93 -10.24 30.83 -1.72
C THR B 93 -9.00 30.05 -1.26
N ALA B 94 -8.60 30.29 -0.02
CA ALA B 94 -7.64 29.44 0.72
C ALA B 94 -8.33 28.09 0.98
N ASN B 95 -7.65 26.99 0.70
CA ASN B 95 -8.15 25.64 1.07
C ASN B 95 -8.09 25.55 2.59
N PRO B 96 -9.26 25.48 3.29
CA PRO B 96 -9.25 25.37 4.75
C PRO B 96 -8.78 23.98 5.23
N LYS B 97 -8.67 23.02 4.31
CA LYS B 97 -8.21 21.63 4.59
C LYS B 97 -6.70 21.53 4.39
N THR B 98 -6.07 22.59 3.86
CA THR B 98 -4.60 22.71 3.68
C THR B 98 -3.87 22.22 4.93
N PRO B 99 -3.06 21.15 4.85
CA PRO B 99 -2.24 20.77 5.99
C PRO B 99 -0.98 21.65 6.01
N LYS B 100 -0.21 21.60 7.09
CA LYS B 100 1.17 22.12 7.11
C LYS B 100 1.97 21.22 6.17
N TYR B 101 2.51 21.79 5.09
CA TYR B 101 3.11 21.05 3.96
C TYR B 101 4.49 21.61 3.61
N LYS B 102 5.23 20.91 2.75
CA LYS B 102 6.54 21.34 2.17
C LYS B 102 6.70 20.73 0.78
N PHE B 103 7.32 21.47 -0.14
CA PHE B 103 7.83 20.94 -1.44
C PHE B 103 9.29 20.55 -1.23
N VAL B 104 9.60 19.26 -1.42
CA VAL B 104 10.98 18.69 -1.38
C VAL B 104 11.23 18.04 -2.72
N ARG B 105 12.45 18.17 -3.24
CA ARG B 105 12.99 17.34 -4.34
C ARG B 105 13.68 16.13 -3.69
N ILE B 106 13.31 14.93 -4.13
CA ILE B 106 13.71 13.65 -3.50
C ILE B 106 14.84 13.04 -4.34
N GLN B 107 15.68 12.23 -3.71
CA GLN B 107 16.88 11.57 -4.32
C GLN B 107 16.50 10.18 -4.84
N PRO B 108 17.19 9.65 -5.89
CA PRO B 108 16.96 8.28 -6.34
C PRO B 108 17.24 7.26 -5.22
N GLY B 109 16.36 6.26 -5.09
CA GLY B 109 16.39 5.25 -4.02
C GLY B 109 15.45 5.64 -2.89
N GLN B 110 15.08 6.93 -2.83
CA GLN B 110 14.06 7.45 -1.89
C GLN B 110 12.69 6.90 -2.25
N THR B 111 11.86 6.66 -1.23
CA THR B 111 10.46 6.20 -1.35
C THR B 111 9.52 7.32 -0.92
N PHE B 112 8.27 7.20 -1.37
CA PHE B 112 7.12 8.07 -1.05
C PHE B 112 5.83 7.29 -1.29
N SER B 113 4.73 7.69 -0.63
CA SER B 113 3.34 7.24 -0.91
C SER B 113 2.71 8.10 -2.01
N VAL B 114 2.16 7.46 -3.05
CA VAL B 114 1.33 8.07 -4.13
C VAL B 114 -0.16 7.86 -3.81
N LEU B 115 -0.96 8.91 -4.03
CA LEU B 115 -2.44 8.86 -4.08
C LEU B 115 -2.85 9.04 -5.52
N ALA B 116 -3.13 7.91 -6.20
CA ALA B 116 -3.66 7.83 -7.57
C ALA B 116 -5.07 8.45 -7.62
N CYS B 117 -5.27 9.41 -8.51
CA CYS B 117 -6.49 10.24 -8.57
C CYS B 117 -7.00 10.26 -10.01
N TYR B 118 -8.31 10.37 -10.16
CA TYR B 118 -9.03 10.45 -11.45
C TYR B 118 -10.15 11.46 -11.27
N ASN B 119 -10.13 12.51 -12.09
CA ASN B 119 -11.13 13.60 -12.10
C ASN B 119 -11.20 14.24 -10.71
N GLY B 120 -10.07 14.29 -10.00
CA GLY B 120 -9.93 14.96 -8.69
C GLY B 120 -10.39 14.07 -7.54
N SER B 121 -10.70 12.80 -7.80
CA SER B 121 -11.15 11.83 -6.79
C SER B 121 -10.03 10.87 -6.43
N PRO B 122 -9.54 10.95 -5.18
CA PRO B 122 -8.64 9.93 -4.63
C PRO B 122 -9.17 8.51 -4.87
N SER B 123 -8.44 7.73 -5.66
CA SER B 123 -8.83 6.38 -6.16
C SER B 123 -8.11 5.27 -5.38
N GLY B 124 -6.88 5.52 -4.88
CA GLY B 124 -6.04 4.48 -4.23
C GLY B 124 -4.66 4.97 -3.76
N VAL B 125 -4.00 4.22 -2.86
CA VAL B 125 -2.70 4.59 -2.20
C VAL B 125 -1.74 3.40 -2.24
N TYR B 126 -0.47 3.66 -2.60
CA TYR B 126 0.62 2.66 -2.63
C TYR B 126 2.01 3.33 -2.50
N GLN B 127 2.94 2.63 -1.83
CA GLN B 127 4.35 3.08 -1.61
C GLN B 127 5.17 2.83 -2.89
N CYS B 128 5.96 3.82 -3.29
CA CYS B 128 6.66 3.89 -4.60
C CYS B 128 8.05 4.52 -4.41
N ALA B 129 9.08 3.98 -5.08
CA ALA B 129 10.49 4.41 -5.00
C ALA B 129 10.88 5.25 -6.23
N MET B 130 11.64 6.34 -5.99
CA MET B 130 12.36 7.07 -7.06
C MET B 130 13.53 6.19 -7.49
N ARG B 131 13.48 5.68 -8.72
CA ARG B 131 14.43 4.66 -9.25
C ARG B 131 15.69 5.33 -9.83
N PRO B 132 16.87 4.68 -9.72
CA PRO B 132 18.12 5.23 -10.26
C PRO B 132 17.99 6.04 -11.55
N ASN B 133 17.33 5.48 -12.56
CA ASN B 133 17.12 6.12 -13.90
C ASN B 133 16.00 7.17 -13.82
N PHE B 134 15.65 7.63 -12.61
CA PHE B 134 14.70 8.74 -12.35
C PHE B 134 13.31 8.45 -12.94
N THR B 135 12.95 7.18 -13.09
CA THR B 135 11.57 6.74 -13.41
C THR B 135 10.93 6.21 -12.12
N ILE B 136 9.63 5.92 -12.17
CA ILE B 136 8.90 5.17 -11.10
C ILE B 136 8.03 4.11 -11.78
N LYS B 137 8.03 2.91 -11.20
CA LYS B 137 7.13 1.79 -11.58
C LYS B 137 5.90 1.95 -10.68
N GLY B 138 4.98 2.81 -11.12
CA GLY B 138 3.70 3.07 -10.43
C GLY B 138 2.54 2.33 -11.09
N SER B 139 1.34 2.66 -10.66
CA SER B 139 0.05 2.20 -11.25
C SER B 139 -0.75 3.45 -11.57
N PHE B 140 -0.93 3.74 -12.86
CA PHE B 140 -1.51 4.99 -13.38
C PHE B 140 -2.22 4.68 -14.69
N LEU B 141 -3.48 5.11 -14.84
CA LEU B 141 -4.27 4.98 -16.08
C LEU B 141 -4.50 6.38 -16.65
N ASN B 142 -5.12 6.47 -17.83
CA ASN B 142 -5.48 7.76 -18.48
C ASN B 142 -6.22 8.60 -17.43
N GLY B 143 -5.86 9.89 -17.32
CA GLY B 143 -6.46 10.85 -16.37
C GLY B 143 -5.80 10.81 -14.99
N SER B 144 -4.72 10.05 -14.82
CA SER B 144 -4.01 9.94 -13.51
C SER B 144 -3.11 11.17 -13.27
N CYS B 145 -2.82 11.93 -14.33
CA CYS B 145 -1.87 13.07 -14.32
C CYS B 145 -2.23 14.04 -13.20
N GLY B 146 -1.22 14.56 -12.49
CA GLY B 146 -1.38 15.51 -11.38
C GLY B 146 -1.57 14.81 -10.06
N SER B 147 -1.74 13.48 -10.08
CA SER B 147 -1.63 12.65 -8.85
C SER B 147 -0.24 12.91 -8.27
N VAL B 148 -0.11 12.89 -6.95
CA VAL B 148 1.13 13.37 -6.27
C VAL B 148 1.66 12.29 -5.32
N GLY B 149 2.99 12.27 -5.18
CA GLY B 149 3.73 11.46 -4.19
C GLY B 149 4.17 12.34 -3.05
N PHE B 150 4.25 11.78 -1.84
CA PHE B 150 4.41 12.55 -0.59
C PHE B 150 4.98 11.67 0.53
N ASN B 151 5.71 12.29 1.45
CA ASN B 151 6.08 11.69 2.76
C ASN B 151 5.35 12.49 3.83
N ILE B 152 5.02 11.86 4.97
CA ILE B 152 4.27 12.50 6.10
C ILE B 152 5.10 12.38 7.38
N ASP B 153 5.24 13.50 8.11
CA ASP B 153 6.17 13.69 9.25
C ASP B 153 5.42 14.31 10.44
N TYR B 154 4.83 13.45 11.29
CA TYR B 154 3.97 13.83 12.44
C TYR B 154 2.65 14.39 11.89
N ASP B 155 2.61 15.70 11.55
CA ASP B 155 1.43 16.37 10.95
C ASP B 155 1.83 17.13 9.67
N CYS B 156 3.10 17.09 9.27
CA CYS B 156 3.66 17.92 8.18
C CYS B 156 3.92 17.10 6.92
N VAL B 157 3.09 17.29 5.88
CA VAL B 157 3.14 16.58 4.56
C VAL B 157 4.23 17.18 3.67
N SER B 158 5.09 16.33 3.14
CA SER B 158 6.20 16.67 2.21
C SER B 158 5.84 16.22 0.78
N PHE B 159 5.41 17.14 -0.07
CA PHE B 159 5.09 16.85 -1.50
C PHE B 159 6.39 16.78 -2.30
N CYS B 160 6.62 15.65 -2.98
CA CYS B 160 7.92 15.35 -3.65
C CYS B 160 7.71 15.03 -5.13
N TYR B 161 6.57 14.46 -5.51
CA TYR B 161 6.29 14.01 -6.91
C TYR B 161 4.95 14.57 -7.38
N MET B 162 4.89 14.95 -8.66
CA MET B 162 3.63 15.12 -9.44
C MET B 162 3.77 14.32 -10.73
N HIS B 163 2.84 13.39 -11.00
CA HIS B 163 2.84 12.51 -12.21
C HIS B 163 2.40 13.28 -13.45
N HIS B 164 3.10 13.12 -14.57
CA HIS B 164 2.89 13.88 -15.83
C HIS B 164 2.64 12.98 -17.03
N MET B 165 3.35 11.86 -17.15
CA MET B 165 3.28 11.02 -18.38
C MET B 165 3.76 9.58 -18.16
N GLU B 166 3.34 8.69 -19.05
CA GLU B 166 3.81 7.29 -19.10
C GLU B 166 4.80 7.14 -20.26
N LEU B 167 5.98 6.59 -20.01
CA LEU B 167 6.97 6.35 -21.09
C LEU B 167 6.56 5.11 -21.88
N PRO B 168 6.95 4.98 -23.17
CA PRO B 168 6.57 3.84 -24.01
C PRO B 168 6.93 2.45 -23.46
N THR B 169 7.58 2.40 -22.30
CA THR B 169 8.02 1.16 -21.59
C THR B 169 7.05 0.83 -20.45
N GLY B 170 6.10 1.71 -20.12
CA GLY B 170 5.09 1.50 -19.07
C GLY B 170 5.47 2.12 -17.74
N VAL B 171 6.69 2.63 -17.64
CA VAL B 171 7.20 3.33 -16.43
C VAL B 171 6.77 4.79 -16.53
N HIS B 172 6.84 5.51 -15.42
CA HIS B 172 6.17 6.81 -15.24
C HIS B 172 7.20 7.92 -15.00
N ALA B 173 6.92 9.12 -15.52
CA ALA B 173 7.77 10.31 -15.38
C ALA B 173 6.98 11.48 -14.79
N GLY B 174 7.58 12.18 -13.84
CA GLY B 174 6.95 13.31 -13.15
C GLY B 174 7.97 14.35 -12.75
N THR B 175 7.51 15.37 -12.03
CA THR B 175 8.32 16.52 -11.55
C THR B 175 8.26 16.59 -10.02
N ASP B 176 9.13 17.39 -9.42
CA ASP B 176 8.85 17.95 -8.06
C ASP B 176 7.73 18.99 -8.21
N LEU B 177 7.22 19.54 -7.11
CA LEU B 177 6.08 20.51 -7.16
C LEU B 177 6.56 21.89 -7.64
N GLU B 178 7.86 22.11 -7.85
CA GLU B 178 8.41 23.36 -8.44
C GLU B 178 8.55 23.19 -9.97
N GLY B 179 8.26 22.00 -10.49
CA GLY B 179 7.92 21.76 -11.91
C GLY B 179 9.04 21.12 -12.69
N ASN B 180 10.13 20.76 -12.01
CA ASN B 180 11.34 20.19 -12.64
C ASN B 180 11.18 18.67 -12.69
N PHE B 181 11.23 18.12 -13.89
CA PHE B 181 11.35 16.66 -14.11
C PHE B 181 12.50 16.06 -13.29
N TYR B 182 12.20 15.00 -12.56
CA TYR B 182 13.18 13.96 -12.16
C TYR B 182 13.70 13.37 -13.48
N GLY B 183 15.02 13.29 -13.66
CA GLY B 183 15.62 12.72 -14.88
C GLY B 183 15.49 13.67 -16.06
N PRO B 184 15.86 13.21 -17.27
CA PRO B 184 15.98 14.08 -18.44
C PRO B 184 14.69 14.21 -19.27
N PHE B 185 13.56 13.80 -18.70
CA PHE B 185 12.31 13.58 -19.47
C PHE B 185 11.70 14.95 -19.74
N VAL B 186 10.97 15.06 -20.84
CA VAL B 186 10.29 16.30 -21.29
C VAL B 186 8.80 16.00 -21.51
N ASP B 187 7.92 16.96 -21.21
CA ASP B 187 6.46 16.84 -21.41
C ASP B 187 6.13 17.13 -22.88
N ARG B 188 6.40 16.15 -23.75
CA ARG B 188 5.88 16.08 -25.15
C ARG B 188 5.90 14.61 -25.59
N GLN B 189 5.43 14.32 -26.81
CA GLN B 189 5.28 12.93 -27.33
C GLN B 189 6.39 12.65 -28.34
N THR B 190 7.65 12.57 -27.88
CA THR B 190 8.86 12.24 -28.68
C THR B 190 9.48 10.92 -28.20
N ALA B 191 10.46 10.41 -28.94
CA ALA B 191 11.32 9.28 -28.55
C ALA B 191 12.11 9.66 -27.28
N GLN B 192 11.79 9.02 -26.15
CA GLN B 192 12.47 9.24 -24.84
C GLN B 192 12.84 7.90 -24.21
N ALA B 193 14.14 7.66 -24.01
CA ALA B 193 14.72 6.42 -23.45
C ALA B 193 15.01 6.61 -21.96
N ALA B 194 14.34 5.84 -21.10
CA ALA B 194 14.71 5.64 -19.69
C ALA B 194 16.14 5.07 -19.65
N GLY B 195 17.04 5.70 -18.87
CA GLY B 195 18.35 5.12 -18.53
C GLY B 195 18.17 3.70 -18.03
N THR B 196 19.23 2.89 -18.06
CA THR B 196 19.21 1.49 -17.57
C THR B 196 19.13 1.55 -16.03
N ASP B 197 18.15 0.88 -15.44
CA ASP B 197 17.85 0.98 -13.98
C ASP B 197 18.73 -0.01 -13.22
N THR B 198 19.42 0.48 -12.18
CA THR B 198 20.26 -0.32 -11.26
C THR B 198 19.39 -0.75 -10.07
N THR B 199 19.95 -1.56 -9.16
CA THR B 199 19.29 -1.95 -7.89
C THR B 199 19.80 -1.02 -6.77
N ILE B 200 18.94 -0.65 -5.83
CA ILE B 200 19.19 0.37 -4.77
C ILE B 200 19.82 -0.36 -3.58
N THR B 201 21.15 -0.46 -3.60
CA THR B 201 21.96 -1.37 -2.76
C THR B 201 21.59 -1.19 -1.29
N VAL B 202 21.63 0.04 -0.79
CA VAL B 202 21.44 0.32 0.66
C VAL B 202 20.05 -0.17 1.09
N ASN B 203 19.06 -0.11 0.19
CA ASN B 203 17.64 -0.47 0.47
C ASN B 203 17.55 -1.99 0.64
N VAL B 204 18.11 -2.75 -0.31
CA VAL B 204 18.24 -4.23 -0.24
C VAL B 204 18.85 -4.67 1.10
N LEU B 205 19.90 -3.98 1.53
CA LEU B 205 20.58 -4.25 2.81
C LEU B 205 19.61 -4.04 3.97
N ALA B 206 18.85 -2.95 3.97
CA ALA B 206 17.88 -2.62 5.06
C ALA B 206 16.76 -3.69 5.08
N TRP B 207 16.39 -4.17 3.90
CA TRP B 207 15.38 -5.23 3.71
C TRP B 207 15.84 -6.50 4.42
N LEU B 208 17.11 -6.89 4.24
CA LEU B 208 17.72 -8.09 4.89
C LEU B 208 17.70 -7.91 6.42
N TYR B 209 17.99 -6.70 6.91
CA TYR B 209 17.96 -6.38 8.37
C TYR B 209 16.53 -6.59 8.90
N ALA B 210 15.53 -6.24 8.08
CA ALA B 210 14.10 -6.45 8.39
C ALA B 210 13.85 -7.95 8.46
N ALA B 211 14.31 -8.68 7.43
CA ALA B 211 14.17 -10.15 7.35
C ALA B 211 14.73 -10.73 8.65
N VAL B 212 15.98 -10.41 8.96
CA VAL B 212 16.65 -10.92 10.20
C VAL B 212 15.76 -10.60 11.40
N ILE B 213 15.22 -9.38 11.46
CA ILE B 213 14.43 -8.89 12.65
C ILE B 213 13.15 -9.74 12.80
N ASN B 214 12.65 -10.34 11.71
CA ASN B 214 11.43 -11.19 11.72
C ASN B 214 11.78 -12.66 12.01
N GLY B 215 13.06 -13.03 11.92
CA GLY B 215 13.52 -14.41 12.22
C GLY B 215 14.09 -15.12 11.00
N ASP B 216 13.94 -14.58 9.79
CA ASP B 216 14.53 -15.12 8.52
C ASP B 216 16.05 -14.91 8.54
N ARG B 217 16.84 -15.95 8.83
CA ARG B 217 18.29 -15.80 9.10
C ARG B 217 19.13 -16.72 8.20
N TRP B 218 18.53 -17.44 7.25
CA TRP B 218 19.17 -18.53 6.46
C TRP B 218 20.26 -17.99 5.52
N PHE B 219 20.16 -16.72 5.13
CA PHE B 219 21.04 -16.09 4.10
C PHE B 219 22.30 -15.54 4.76
N LEU B 220 22.29 -15.49 6.10
CA LEU B 220 23.47 -15.07 6.91
C LEU B 220 24.56 -16.13 6.75
N ASN B 221 25.74 -15.71 6.30
CA ASN B 221 26.93 -16.58 6.02
C ASN B 221 27.97 -16.35 7.11
N ARG B 222 29.11 -17.03 6.99
CA ARG B 222 30.23 -16.98 7.96
C ARG B 222 31.23 -15.88 7.56
N PHE B 223 31.04 -15.23 6.40
CA PHE B 223 32.05 -14.40 5.71
C PHE B 223 31.87 -12.93 6.08
N THR B 224 32.91 -12.15 5.82
CA THR B 224 32.90 -10.67 5.89
C THR B 224 33.49 -10.16 4.57
N THR B 225 33.57 -8.84 4.39
CA THR B 225 34.10 -8.22 3.15
C THR B 225 34.51 -6.77 3.47
N THR B 226 34.72 -5.96 2.43
CA THR B 226 35.08 -4.52 2.52
C THR B 226 34.12 -3.74 1.60
N LEU B 227 33.98 -2.43 1.84
CA LEU B 227 33.29 -1.48 0.94
C LEU B 227 33.74 -1.74 -0.51
N ASN B 228 35.04 -1.79 -0.74
CA ASN B 228 35.66 -1.93 -2.09
C ASN B 228 35.38 -3.31 -2.67
N ASP B 229 35.70 -4.36 -1.94
CA ASP B 229 35.47 -5.77 -2.37
C ASP B 229 33.98 -5.94 -2.75
N PHE B 230 33.06 -5.47 -1.89
CA PHE B 230 31.59 -5.55 -2.14
C PHE B 230 31.21 -4.71 -3.37
N ASN B 231 31.67 -3.45 -3.42
CA ASN B 231 31.33 -2.47 -4.50
C ASN B 231 31.69 -3.04 -5.87
N LEU B 232 32.78 -3.81 -5.95
CA LEU B 232 33.26 -4.51 -7.19
C LEU B 232 32.18 -5.47 -7.66
N VAL B 233 31.60 -6.23 -6.72
CA VAL B 233 30.51 -7.21 -6.99
C VAL B 233 29.22 -6.43 -7.27
N ALA B 234 29.01 -5.30 -6.58
CA ALA B 234 27.83 -4.42 -6.74
C ALA B 234 27.76 -3.96 -8.20
N MET B 235 28.76 -3.20 -8.67
CA MET B 235 28.85 -2.69 -10.06
C MET B 235 28.64 -3.82 -11.08
N LYS B 236 29.13 -5.03 -10.75
CA LYS B 236 29.07 -6.26 -11.59
C LYS B 236 27.62 -6.68 -11.85
N TYR B 237 26.76 -6.65 -10.84
CA TYR B 237 25.35 -7.13 -10.90
C TYR B 237 24.38 -5.95 -11.08
N ASN B 238 24.87 -4.80 -11.55
CA ASN B 238 24.09 -3.55 -11.76
C ASN B 238 23.35 -3.17 -10.47
N TYR B 239 24.10 -3.09 -9.37
CA TYR B 239 23.69 -2.59 -8.04
C TYR B 239 24.40 -1.27 -7.79
N GLU B 240 23.69 -0.25 -7.28
CA GLU B 240 24.25 1.10 -7.00
C GLU B 240 25.46 0.97 -6.08
N PRO B 241 26.47 1.87 -6.16
CA PRO B 241 27.57 1.86 -5.21
C PRO B 241 27.05 1.96 -3.77
N LEU B 242 27.68 1.25 -2.84
CA LEU B 242 27.46 1.47 -1.39
C LEU B 242 28.56 2.42 -0.88
N THR B 243 28.16 3.48 -0.17
CA THR B 243 28.99 4.62 0.32
C THR B 243 29.04 4.58 1.85
N GLN B 244 29.89 5.41 2.45
CA GLN B 244 30.10 5.47 3.92
C GLN B 244 28.83 6.04 4.56
N ASP B 245 28.18 7.01 3.91
CA ASP B 245 26.89 7.57 4.39
C ASP B 245 25.89 6.42 4.49
N HIS B 246 25.82 5.57 3.46
CA HIS B 246 24.96 4.34 3.40
C HIS B 246 25.21 3.47 4.64
N VAL B 247 26.48 3.26 5.02
CA VAL B 247 26.87 2.41 6.18
C VAL B 247 26.44 3.12 7.48
N ASP B 248 26.59 4.45 7.53
CA ASP B 248 26.23 5.28 8.71
C ASP B 248 24.73 5.16 8.94
N ILE B 249 23.96 5.22 7.84
CA ILE B 249 22.47 5.25 7.89
C ILE B 249 21.98 3.91 8.45
N LEU B 250 22.73 2.84 8.21
CA LEU B 250 22.33 1.44 8.52
C LEU B 250 22.61 1.11 9.99
N GLY B 251 23.28 2.02 10.71
CA GLY B 251 23.73 1.80 12.09
C GLY B 251 22.64 1.27 13.00
N PRO B 252 21.55 2.06 13.21
CA PRO B 252 20.43 1.63 14.06
C PRO B 252 20.03 0.17 13.90
N LEU B 253 19.95 -0.30 12.66
CA LEU B 253 19.67 -1.72 12.33
C LEU B 253 20.86 -2.58 12.75
N SER B 254 22.07 -2.17 12.38
CA SER B 254 23.34 -2.86 12.67
C SER B 254 23.41 -3.15 14.17
N ALA B 255 23.14 -2.14 14.99
CA ALA B 255 23.22 -2.16 16.49
C ALA B 255 22.18 -3.13 17.04
N GLN B 256 20.95 -2.99 16.54
CA GLN B 256 19.75 -3.77 16.92
C GLN B 256 20.04 -5.26 16.74
N THR B 257 20.44 -5.67 15.52
CA THR B 257 20.48 -7.09 15.09
C THR B 257 21.78 -7.76 15.54
N GLY B 258 22.78 -6.96 15.92
CA GLY B 258 24.13 -7.42 16.30
C GLY B 258 25.02 -7.67 15.09
N ILE B 259 24.52 -7.46 13.87
CA ILE B 259 25.24 -7.83 12.62
C ILE B 259 25.82 -6.55 12.01
N ALA B 260 27.15 -6.41 12.07
CA ALA B 260 27.92 -5.30 11.46
C ALA B 260 27.59 -5.23 9.96
N VAL B 261 27.56 -4.03 9.41
CA VAL B 261 27.05 -3.73 8.03
C VAL B 261 27.86 -4.57 7.03
N LEU B 262 29.16 -4.69 7.22
CA LEU B 262 30.06 -5.40 6.27
C LEU B 262 29.81 -6.93 6.29
N ASP B 263 29.28 -7.44 7.40
CA ASP B 263 28.89 -8.88 7.51
C ASP B 263 27.64 -9.10 6.66
N MET B 264 26.65 -8.21 6.78
CA MET B 264 25.44 -8.25 5.90
C MET B 264 25.83 -8.01 4.43
N CYS B 265 26.76 -7.09 4.18
CA CYS B 265 27.38 -6.87 2.85
C CYS B 265 27.90 -8.20 2.28
N ALA B 266 28.58 -9.00 3.09
CA ALA B 266 29.15 -10.29 2.65
C ALA B 266 28.01 -11.23 2.26
N SER B 267 27.01 -11.38 3.14
CA SER B 267 25.81 -12.23 2.92
C SER B 267 25.15 -11.85 1.58
N LEU B 268 24.99 -10.55 1.30
CA LEU B 268 24.36 -10.07 0.04
C LEU B 268 25.16 -10.59 -1.17
N LYS B 269 26.47 -10.33 -1.22
CA LYS B 269 27.39 -10.81 -2.28
C LYS B 269 27.14 -12.30 -2.61
N GLU B 270 26.95 -13.16 -1.60
CA GLU B 270 26.78 -14.63 -1.79
C GLU B 270 25.42 -14.93 -2.44
N LEU B 271 24.36 -14.17 -2.13
CA LEU B 271 23.07 -14.27 -2.85
C LEU B 271 23.24 -13.82 -4.31
N LEU B 272 23.96 -12.73 -4.57
CA LEU B 272 24.20 -12.22 -5.96
C LEU B 272 24.95 -13.27 -6.80
N GLN B 273 25.99 -13.90 -6.23
CA GLN B 273 26.86 -14.87 -6.96
C GLN B 273 26.13 -16.22 -7.12
N ASN B 274 25.43 -16.68 -6.08
CA ASN B 274 24.83 -18.04 -5.99
C ASN B 274 23.34 -18.06 -6.37
N GLY B 275 22.70 -16.91 -6.55
CA GLY B 275 21.22 -16.83 -6.69
C GLY B 275 20.57 -17.25 -5.38
N MET B 276 19.24 -17.34 -5.37
CA MET B 276 18.44 -17.58 -4.14
C MET B 276 17.94 -19.03 -4.06
N ASN B 277 18.03 -19.81 -5.13
CA ASN B 277 17.88 -21.29 -5.11
C ASN B 277 16.43 -21.67 -4.78
N GLY B 278 15.46 -20.92 -5.30
CA GLY B 278 14.02 -21.15 -5.06
C GLY B 278 13.59 -20.68 -3.68
N ARG B 279 14.55 -20.38 -2.80
CA ARG B 279 14.28 -19.94 -1.40
C ARG B 279 13.69 -18.53 -1.43
N THR B 280 13.06 -18.11 -0.33
CA THR B 280 12.34 -16.83 -0.20
C THR B 280 12.77 -16.11 1.08
N ILE B 281 12.76 -14.78 1.06
CA ILE B 281 13.03 -13.89 2.22
C ILE B 281 11.83 -12.95 2.38
N LEU B 282 11.24 -12.92 3.57
CA LEU B 282 10.01 -12.14 3.86
C LEU B 282 9.00 -12.35 2.73
N GLY B 283 8.74 -13.60 2.35
CA GLY B 283 7.71 -13.98 1.36
C GLY B 283 8.07 -13.60 -0.07
N SER B 284 9.30 -13.13 -0.34
CA SER B 284 9.77 -12.67 -1.67
C SER B 284 10.89 -13.57 -2.20
N ALA B 285 10.74 -14.08 -3.42
CA ALA B 285 11.73 -14.95 -4.11
C ALA B 285 12.63 -14.12 -5.03
N LEU B 286 12.63 -12.79 -4.89
CA LEU B 286 13.73 -11.92 -5.38
C LEU B 286 13.98 -10.78 -4.36
N LEU B 287 15.16 -10.16 -4.44
CA LEU B 287 15.66 -9.10 -3.53
C LEU B 287 14.87 -7.80 -3.74
N GLU B 288 14.25 -7.27 -2.67
CA GLU B 288 13.44 -6.02 -2.65
C GLU B 288 14.31 -4.79 -2.37
N ASP B 289 14.33 -3.82 -3.30
CA ASP B 289 15.15 -2.59 -3.15
C ASP B 289 14.27 -1.36 -2.99
N GLU B 290 12.99 -1.52 -2.65
CA GLU B 290 12.04 -0.38 -2.56
C GLU B 290 11.60 -0.14 -1.10
N PHE B 291 12.45 -0.52 -0.14
CA PHE B 291 12.36 -0.06 1.27
C PHE B 291 13.67 0.64 1.63
N THR B 292 13.60 1.90 2.06
CA THR B 292 14.77 2.65 2.57
C THR B 292 15.07 2.18 3.99
N PRO B 293 16.29 2.47 4.49
CA PRO B 293 16.60 2.28 5.91
C PRO B 293 15.66 2.99 6.91
N PHE B 294 15.01 4.09 6.50
CA PHE B 294 13.97 4.78 7.33
C PHE B 294 12.70 3.90 7.35
N ASP B 295 12.29 3.44 6.19
CA ASP B 295 11.05 2.64 6.02
C ASP B 295 11.10 1.43 7.00
N VAL B 296 12.23 0.71 7.05
CA VAL B 296 12.44 -0.46 7.96
C VAL B 296 12.24 -0.03 9.42
N VAL B 297 12.93 1.04 9.83
CA VAL B 297 12.96 1.54 11.24
C VAL B 297 11.54 1.91 11.68
N ARG B 298 10.83 2.69 10.86
CA ARG B 298 9.40 3.09 11.07
C ARG B 298 8.58 1.82 11.32
N GLN B 299 8.73 0.82 10.44
CA GLN B 299 7.89 -0.40 10.39
C GLN B 299 8.36 -1.43 11.42
N CYS B 300 9.65 -1.47 11.75
CA CYS B 300 10.24 -2.47 12.66
C CYS B 300 10.40 -1.93 14.08
N SER B 301 10.18 -0.62 14.30
CA SER B 301 10.26 0.06 15.63
C SER B 301 9.24 1.22 15.72
C10 Y0E C . -0.44 -12.42 23.52
C13 Y0E C . -2.12 -14.50 22.77
C17 Y0E C . 0.16 -7.97 18.36
C20 Y0E C . 2.76 -8.10 17.54
C21 Y0E C . 2.46 -8.42 18.87
C22 Y0E C . -1.18 -8.62 22.28
C24 Y0E C . -1.66 -9.17 24.55
C26 Y0E C . -3.77 -10.37 25.23
C28 Y0E C . -5.47 -11.93 25.93
O01 Y0E C . 0.16 -5.86 20.53
C02 Y0E C . -0.49 -6.54 21.23
N03 Y0E C . -0.29 -7.97 21.37
C04 Y0E C . 0.75 -8.73 20.69
C05 Y0E C . 0.44 -10.22 20.66
N06 Y0E C . 1.19 -11.19 21.46
C07 Y0E C . 0.84 -12.60 21.33
C08 Y0E C . 2.08 -13.45 21.51
C09 Y0E C . -0.26 -13.04 22.29
C11 Y0E C . -1.45 -12.83 24.37
C12 Y0E C . -2.29 -13.87 24.00
C14 Y0E C . -1.11 -14.08 21.92
O15 Y0E C . -0.42 -10.59 19.92
C16 Y0E C . 1.13 -8.33 19.28
N18 Y0E C . 0.47 -7.65 17.12
C19 Y0E C . 1.72 -7.71 16.70
C23 Y0E C . -0.83 -8.61 23.62
C25 Y0E C . -2.86 -9.76 24.16
C27 Y0E C . -4.65 -11.41 24.95
C29 Y0E C . -5.42 -11.43 27.22
C30 Y0E C . -4.53 -10.40 27.50
C31 Y0E C . -3.73 -9.86 26.53
C32 Y0E C . -3.22 -9.75 22.81
C33 Y0E C . -2.39 -9.18 21.88
C34 Y0E C . -1.61 -5.85 21.99
C35 Y0E C . -2.53 -5.24 21.27
C10 Y0E D . 0.83 10.85 -23.86
C13 Y0E D . 3.28 12.10 -24.10
C17 Y0E D . -0.78 8.81 -18.24
C20 Y0E D . -1.70 6.27 -18.50
C21 Y0E D . -1.79 7.10 -19.60
C22 Y0E D . -1.40 11.80 -21.03
C24 Y0E D . 0.27 13.48 -21.32
C26 Y0E D . 0.19 15.08 -23.26
C28 Y0E D . 2.00 16.60 -23.67
O01 Y0E D . -3.32 9.93 -18.65
C02 Y0E D . -2.92 10.85 -19.26
N03 Y0E D . -1.92 10.67 -20.29
C04 Y0E D . -1.36 9.38 -20.60
C05 Y0E D . 0.06 9.50 -21.17
N06 Y0E D . 0.51 8.68 -22.30
C07 Y0E D . 1.88 8.84 -22.78
C08 Y0E D . 2.24 7.72 -23.76
C09 Y0E D . 1.97 10.22 -23.42
C11 Y0E D . 0.90 12.11 -24.43
C12 Y0E D . 2.13 12.73 -24.55
C14 Y0E D . 3.20 10.85 -23.53
O15 Y0E D . 0.80 10.25 -20.63
C16 Y0E D . -1.33 8.40 -19.45
N18 Y0E D . -0.71 7.99 -17.22
C19 Y0E D . -1.15 6.76 -17.32
C23 Y0E D . -0.24 12.42 -20.60
C25 Y0E D . -0.38 13.90 -22.48
C27 Y0E D . 1.48 15.54 -22.96
C29 Y0E D . 1.26 17.20 -24.67
C30 Y0E D . -0.01 16.74 -24.97
C31 Y0E D . -0.54 15.68 -24.27
C32 Y0E D . -1.54 13.28 -22.90
C33 Y0E D . -2.06 12.21 -22.17
C34 Y0E D . -3.45 12.24 -18.93
C35 Y0E D . -2.81 12.93 -17.99
C10 Y1E E . -0.11 4.52 -22.37
C13 Y1E E . -2.78 4.34 -23.05
C17 Y1E E . -0.20 8.76 -17.95
C20 Y1E E . -1.61 6.46 -18.35
C21 Y1E E . -1.53 7.37 -19.39
C22 Y1E E . -1.05 11.92 -20.81
C24 Y1E E . 0.72 13.35 -21.54
C26 Y1E E . 0.34 15.21 -23.15
C28 Y1E E . 2.10 16.74 -23.68
O01 Y1E E . -2.78 9.82 -18.47
C02 Y1E E . -2.52 10.80 -19.08
N03 Y1E E . -1.45 10.78 -20.05
C04 Y1E E . -0.68 9.58 -20.27
C05 Y1E E . -0.72 8.99 -21.68
N06 Y1E E . -0.10 7.69 -21.82
C07 Y1E E . -0.01 6.95 -23.06
C08 Y1E E . 1.48 6.71 -23.31
C09 Y1E E . -0.76 5.63 -22.88
C11 Y1E E . -0.79 3.32 -22.20
C12 Y1E E . -2.13 3.23 -22.54
C14 Y1E E . -2.10 5.54 -23.22
O15 Y1E E . -1.22 9.57 -22.59
C16 Y1E E . -0.81 8.54 -19.17
N18 Y1E E . -0.29 7.87 -16.98
C19 Y1E E . -0.97 6.76 -17.16
C23 Y1E E . 0.28 12.29 -20.78
C25 Y1E E . -0.18 14.05 -22.32
C27 Y1E E . 1.63 15.68 -22.94
C29 Y1E E . 1.30 17.32 -24.65
C30 Y1E E . 0.02 16.85 -24.87
C31 Y1E E . -0.47 15.80 -24.12
C32 Y1E E . -1.51 13.67 -22.37
C33 Y1E E . -1.95 12.60 -21.62
C34 Y1E E . -3.30 12.09 -18.83
C35 Y1E E . -2.85 12.93 -17.92
#